data_1H2R
#
_entry.id   1H2R
#
_cell.length_a   100.440
_cell.length_b   126.860
_cell.length_c   66.680
_cell.angle_alpha   90.00
_cell.angle_beta   90.00
_cell.angle_gamma   90.00
#
_symmetry.space_group_name_H-M   'P 21 21 21'
#
loop_
_entity.id
_entity.type
_entity.pdbx_description
1 polymer 'PROTEIN (PERIPLASMIC [NIFE] HYDROGENASE SMALL SUBUNIT)'
2 polymer 'PROTEIN (PERIPLASMIC [NIFE] HYDROGENASE LARGE SUBUNIT)'
3 non-polymer 'IRON/SULFUR CLUSTER'
4 non-polymer 'FE3-S4 CLUSTER'
5 non-polymer 'MAGNESIUM ION'
6 non-polymer 'NI-FE ACTIVE CENTER'
7 water water
#
loop_
_entity_poly.entity_id
_entity_poly.type
_entity_poly.pdbx_seq_one_letter_code
_entity_poly.pdbx_strand_id
1 'polypeptide(L)'
;LMGPRRPSVVYLHNAECTGCSESVLRAFEPYIDTLILDTLSLDYHETIMAAAGDAAEAALEQAVNSPHGFIAVVEGGIPT
AANGIYGKVANHTMLDICSRILPKAQAVIAYGTCATFGGVQAAKPNPTGAKGVNDALKHLGVKAINIAGCPPNPYNLVGT
IVYYLKNKAAPELDSLNRPTMFFGQTVHEQCPRLPHFDAGEFAPSFESEEARKGWCLYELGCKGPVTMNNCPKIKFNQTN
WPVDAGHPCIGCSEPDFWDAMTPFYQN
;
S
2 'polypeptide(L)'
;SSYSGPIVVDPVTRIEGHLRIEVEVENGKVKNAYSSSTLFRGLEIILKGRDPRDAQHFTQRTCGVCTYTHALASTRCVDN
AVGVHIPKNATYIRNLVLGAQYLHDHIVHFYHLHALDFVDVTAALKADPAKAAKVASSISPRKTTAADLKAVQDKLKTFV
ETGQLGPFTNAYFLGGHPAYYLDPETNLIATAHYLEALRLQVKAARAMAVFGAKNPHTQFTVVGGVTCYDALTPQRIAEF
EALWKETKAFVDEVYIPDLLVVAAAYKDWTQYGGTDNFITFGEFPKDEYDLNSRFFKPGVVFKRDFKNIKPFDKMQIEEH
VRHSWYEGAEARHPWKGQTQPKYTDLHGDDRYSWMKAPRYMGEPMETGPLAQVLIAYSQGHPKVKAVTDAVLAKLGVGPE
ALFSTLGRTAARGIETAVIAEYVGVMLQEYKDNIAKGDNVICAPWEMPKQAEGVGFVNAPRGGLSHWIRIEDGKIGNFQL
VVPSTWTLGPRCDKNNVSPVEASLIGTPVADAKRPVEILRTVHSFDPCIACGVH
;
L
#
loop_
_chem_comp.id
_chem_comp.type
_chem_comp.name
_chem_comp.formula
F3S non-polymer 'FE3-S4 CLUSTER' 'Fe3 S4'
MG non-polymer 'MAGNESIUM ION' 'Mg 2'
NFE non-polymer 'NI-FE ACTIVE CENTER' 'C2 H Fe Ni O3 S2'
SF4 non-polymer 'IRON/SULFUR CLUSTER' 'Fe4 S4'
#
# COMPACT_ATOMS: atom_id res chain seq x y z
N LEU A 1 22.27 5.52 -15.24
CA LEU A 1 21.24 4.46 -15.08
C LEU A 1 21.09 3.54 -16.28
N MET A 2 21.39 4.07 -17.47
CA MET A 2 21.27 3.32 -18.72
C MET A 2 22.62 3.12 -19.41
N GLY A 3 22.65 2.17 -20.34
CA GLY A 3 23.86 1.88 -21.08
C GLY A 3 23.51 0.84 -22.13
N PRO A 4 24.44 -0.08 -22.45
CA PRO A 4 24.12 -1.11 -23.46
C PRO A 4 23.23 -2.22 -22.87
N ARG A 5 23.61 -3.47 -23.14
CA ARG A 5 22.91 -4.68 -22.69
C ARG A 5 21.43 -4.70 -22.29
N ARG A 6 21.12 -4.44 -21.03
CA ARG A 6 19.73 -4.53 -20.57
C ARG A 6 18.79 -3.40 -21.02
N PRO A 7 17.60 -3.76 -21.52
CA PRO A 7 16.58 -2.81 -22.00
C PRO A 7 16.12 -1.84 -20.92
N SER A 8 16.02 -0.55 -21.26
CA SER A 8 15.60 0.48 -20.31
C SER A 8 14.10 0.63 -20.16
N VAL A 9 13.65 0.62 -18.91
CA VAL A 9 12.23 0.77 -18.59
C VAL A 9 12.00 1.99 -17.67
N VAL A 10 11.10 2.89 -18.10
CA VAL A 10 10.73 4.08 -17.33
C VAL A 10 9.29 3.84 -16.85
N TYR A 11 9.09 3.81 -15.53
CA TYR A 11 7.78 3.55 -14.96
C TYR A 11 7.21 4.82 -14.35
N LEU A 12 6.04 5.23 -14.84
CA LEU A 12 5.38 6.46 -14.39
C LEU A 12 4.10 6.18 -13.59
N HIS A 13 3.84 7.02 -12.58
CA HIS A 13 2.66 6.91 -11.73
C HIS A 13 1.84 8.21 -11.82
N ASN A 14 0.63 8.12 -12.36
CA ASN A 14 -0.28 9.28 -12.50
C ASN A 14 -1.32 9.21 -11.36
N ALA A 15 -2.62 9.20 -11.70
CA ALA A 15 -3.66 9.09 -10.69
C ALA A 15 -3.85 7.58 -10.49
N GLU A 16 -3.24 7.05 -9.43
CA GLU A 16 -3.24 5.61 -9.14
C GLU A 16 -3.24 5.29 -7.65
N CYS A 17 -3.43 4.01 -7.33
CA CYS A 17 -3.46 3.54 -5.94
C CYS A 17 -2.22 2.72 -5.57
N THR A 18 -1.37 2.43 -6.56
CA THR A 18 -0.15 1.63 -6.40
C THR A 18 -0.37 0.12 -6.41
N GLY A 19 -1.63 -0.29 -6.57
CA GLY A 19 -1.97 -1.71 -6.64
C GLY A 19 -1.34 -2.34 -7.87
N CYS A 20 -1.22 -1.58 -8.95
CA CYS A 20 -0.60 -2.11 -10.16
C CYS A 20 0.92 -2.33 -9.91
N SER A 21 1.57 -1.40 -9.20
CA SER A 21 2.99 -1.59 -8.89
C SER A 21 3.17 -2.84 -8.05
N GLU A 22 2.35 -2.97 -7.02
CA GLU A 22 2.42 -4.14 -6.14
C GLU A 22 2.22 -5.45 -6.89
N SER A 23 1.33 -5.46 -7.89
CA SER A 23 1.09 -6.67 -8.64
C SER A 23 2.36 -7.16 -9.35
N VAL A 24 3.21 -6.24 -9.81
CA VAL A 24 4.44 -6.66 -10.50
C VAL A 24 5.42 -7.31 -9.51
N LEU A 25 5.39 -6.87 -8.26
CA LEU A 25 6.25 -7.43 -7.22
C LEU A 25 5.91 -8.91 -6.96
N ARG A 26 4.72 -9.33 -7.38
CA ARG A 26 4.29 -10.71 -7.17
C ARG A 26 4.79 -11.64 -8.28
N ALA A 27 5.53 -11.09 -9.23
CA ALA A 27 6.06 -11.88 -10.35
C ALA A 27 6.60 -13.25 -9.90
N PHE A 28 6.29 -14.30 -10.65
CA PHE A 28 6.71 -15.66 -10.32
C PHE A 28 7.30 -16.36 -11.55
N GLU A 29 8.56 -16.78 -11.45
CA GLU A 29 9.30 -17.48 -12.52
C GLU A 29 9.02 -16.88 -13.91
N PRO A 30 9.69 -15.76 -14.23
CA PRO A 30 10.67 -15.06 -13.39
C PRO A 30 10.13 -14.24 -12.22
N TYR A 31 10.92 -14.20 -11.14
CA TYR A 31 10.59 -13.42 -9.96
C TYR A 31 11.09 -12.02 -10.24
N ILE A 32 10.66 -11.07 -9.41
CA ILE A 32 11.04 -9.67 -9.56
C ILE A 32 12.56 -9.43 -9.53
N ASP A 33 13.29 -10.19 -8.71
CA ASP A 33 14.74 -10.01 -8.61
C ASP A 33 15.44 -10.30 -9.92
N THR A 34 15.05 -11.39 -10.57
CA THR A 34 15.59 -11.80 -11.87
C THR A 34 15.24 -10.73 -12.90
N LEU A 35 14.02 -10.22 -12.83
CA LEU A 35 13.54 -9.18 -13.72
C LEU A 35 14.43 -7.93 -13.69
N ILE A 36 14.66 -7.43 -12.49
CA ILE A 36 15.46 -6.22 -12.28
C ILE A 36 16.96 -6.40 -12.45
N LEU A 37 17.45 -7.58 -12.13
CA LEU A 37 18.88 -7.90 -12.22
C LEU A 37 19.37 -8.41 -13.60
N ASP A 38 18.57 -9.28 -14.22
CA ASP A 38 18.98 -9.89 -15.49
C ASP A 38 18.19 -9.51 -16.73
N THR A 39 16.88 -9.47 -16.61
CA THR A 39 16.01 -9.20 -17.74
C THR A 39 15.96 -7.77 -18.24
N LEU A 40 15.74 -6.84 -17.33
CA LEU A 40 15.64 -5.45 -17.74
C LEU A 40 16.35 -4.50 -16.78
N SER A 41 16.39 -3.22 -17.16
CA SER A 41 16.99 -2.19 -16.34
C SER A 41 15.89 -1.20 -15.95
N LEU A 42 15.40 -1.34 -14.71
CA LEU A 42 14.35 -0.47 -14.17
C LEU A 42 15.01 0.85 -13.78
N ASP A 43 14.94 1.82 -14.69
CA ASP A 43 15.61 3.10 -14.48
C ASP A 43 14.89 4.23 -13.76
N TYR A 44 13.58 4.11 -13.61
CA TYR A 44 12.80 5.11 -12.87
C TYR A 44 11.57 4.42 -12.36
N HIS A 45 11.32 4.56 -11.05
CA HIS A 45 10.18 3.95 -10.38
C HIS A 45 10.09 4.55 -8.98
N GLU A 46 9.21 5.54 -8.83
CA GLU A 46 9.00 6.25 -7.57
C GLU A 46 8.78 5.41 -6.30
N THR A 47 8.25 4.20 -6.46
CA THR A 47 8.00 3.33 -5.30
C THR A 47 9.23 2.68 -4.67
N ILE A 48 10.21 2.30 -5.48
CA ILE A 48 11.38 1.61 -4.94
C ILE A 48 12.76 2.21 -5.21
N MET A 49 12.82 3.29 -5.99
CA MET A 49 14.09 3.91 -6.32
C MET A 49 14.78 4.58 -5.12
N ALA A 50 16.11 4.52 -5.11
CA ALA A 50 16.91 5.08 -4.03
C ALA A 50 16.90 6.61 -4.00
N ALA A 51 17.05 7.22 -5.18
CA ALA A 51 17.08 8.69 -5.28
C ALA A 51 15.73 9.34 -5.06
N ALA A 52 15.73 10.56 -4.54
CA ALA A 52 14.49 11.31 -4.30
C ALA A 52 14.70 12.76 -4.72
N GLY A 53 13.61 13.52 -4.84
CA GLY A 53 13.67 14.93 -5.22
C GLY A 53 14.38 15.23 -6.54
N ASP A 54 15.26 16.24 -6.53
CA ASP A 54 16.01 16.61 -7.74
C ASP A 54 16.81 15.45 -8.33
N ALA A 55 17.33 14.58 -7.48
CA ALA A 55 18.11 13.42 -7.92
C ALA A 55 17.21 12.47 -8.72
N ALA A 56 15.95 12.35 -8.30
CA ALA A 56 14.98 11.50 -8.99
C ALA A 56 14.63 12.13 -10.33
N GLU A 57 14.43 13.46 -10.33
CA GLU A 57 14.13 14.17 -11.58
C GLU A 57 15.30 14.01 -12.56
N ALA A 58 16.52 14.09 -12.03
CA ALA A 58 17.71 13.95 -12.84
C ALA A 58 17.80 12.54 -13.44
N ALA A 59 17.46 11.55 -12.62
CA ALA A 59 17.46 10.16 -13.05
C ALA A 59 16.44 9.96 -14.16
N LEU A 60 15.29 10.61 -14.03
CA LEU A 60 14.22 10.55 -15.04
C LEU A 60 14.69 11.18 -16.35
N GLU A 61 15.21 12.39 -16.25
CA GLU A 61 15.72 13.11 -17.42
C GLU A 61 16.78 12.27 -18.12
N GLN A 62 17.68 11.71 -17.33
CA GLN A 62 18.77 10.88 -17.86
C GLN A 62 18.22 9.69 -18.66
N ALA A 63 17.21 9.01 -18.10
CA ALA A 63 16.61 7.86 -18.76
C ALA A 63 15.87 8.21 -20.04
N VAL A 64 15.03 9.24 -20.00
CA VAL A 64 14.24 9.60 -21.18
C VAL A 64 15.05 10.14 -22.36
N ASN A 65 16.18 10.76 -22.08
CA ASN A 65 17.02 11.32 -23.14
C ASN A 65 18.09 10.37 -23.68
N SER A 66 18.17 9.18 -23.12
CA SER A 66 19.16 8.21 -23.56
C SER A 66 19.07 7.86 -25.05
N PRO A 67 20.23 7.79 -25.71
CA PRO A 67 20.32 7.46 -27.13
C PRO A 67 19.98 5.99 -27.34
N HIS A 68 19.96 5.24 -26.24
CA HIS A 68 19.64 3.81 -26.28
C HIS A 68 18.14 3.56 -26.35
N GLY A 69 17.33 4.56 -26.04
CA GLY A 69 15.89 4.39 -26.09
C GLY A 69 15.33 3.70 -24.87
N PHE A 70 14.03 3.92 -24.61
CA PHE A 70 13.37 3.32 -23.46
C PHE A 70 11.94 2.93 -23.77
N ILE A 71 11.42 2.04 -22.92
CA ILE A 71 10.06 1.54 -22.98
C ILE A 71 9.37 2.20 -21.80
N ALA A 72 8.17 2.73 -22.02
CA ALA A 72 7.43 3.38 -20.93
C ALA A 72 6.31 2.49 -20.44
N VAL A 73 6.19 2.37 -19.12
CA VAL A 73 5.12 1.58 -18.50
C VAL A 73 4.43 2.63 -17.62
N VAL A 74 3.15 2.83 -17.86
CA VAL A 74 2.35 3.85 -17.17
C VAL A 74 1.21 3.29 -16.32
N GLU A 75 1.17 3.74 -15.06
CA GLU A 75 0.15 3.33 -14.10
C GLU A 75 -0.66 4.56 -13.73
N GLY A 76 -1.99 4.44 -13.74
CA GLY A 76 -2.88 5.54 -13.38
C GLY A 76 -3.44 6.41 -14.50
N GLY A 77 -4.59 7.03 -14.23
CA GLY A 77 -5.24 7.89 -15.20
C GLY A 77 -4.70 9.31 -15.19
N ILE A 78 -4.91 10.05 -16.26
CA ILE A 78 -4.44 11.43 -16.38
C ILE A 78 -5.58 12.43 -16.09
N PRO A 79 -5.48 13.20 -14.99
CA PRO A 79 -6.54 14.18 -14.69
C PRO A 79 -6.40 15.39 -15.62
N THR A 80 -7.46 15.68 -16.37
CA THR A 80 -7.48 16.75 -17.37
C THR A 80 -8.21 18.06 -16.97
N ALA A 81 -9.16 17.97 -16.05
CA ALA A 81 -9.91 19.16 -15.63
C ALA A 81 -9.06 20.32 -15.09
N ALA A 82 -9.55 21.54 -15.30
CA ALA A 82 -8.88 22.74 -14.83
C ALA A 82 -7.40 22.80 -15.18
N ASN A 83 -7.07 22.57 -16.44
CA ASN A 83 -5.70 22.64 -16.89
C ASN A 83 -4.78 21.58 -16.32
N GLY A 84 -5.35 20.47 -15.84
CA GLY A 84 -4.57 19.36 -15.30
C GLY A 84 -4.10 19.54 -13.86
N ILE A 85 -4.67 20.53 -13.19
CA ILE A 85 -4.32 20.90 -11.83
C ILE A 85 -4.41 19.85 -10.71
N TYR A 86 -5.34 18.90 -10.87
CA TYR A 86 -5.56 17.90 -9.82
C TYR A 86 -4.47 16.84 -9.58
N GLY A 87 -3.43 16.83 -10.42
CA GLY A 87 -2.35 15.87 -10.27
C GLY A 87 -1.03 16.46 -10.70
N LYS A 88 -0.06 16.56 -9.78
CA LYS A 88 1.25 17.12 -10.10
C LYS A 88 2.39 16.35 -9.44
N VAL A 89 3.51 16.25 -10.14
CA VAL A 89 4.71 15.60 -9.61
C VAL A 89 5.82 16.60 -9.90
N ALA A 90 6.62 16.93 -8.89
CA ALA A 90 7.71 17.91 -9.03
C ALA A 90 7.14 19.22 -9.60
N ASN A 91 5.91 19.54 -9.17
CA ASN A 91 5.16 20.73 -9.56
C ASN A 91 4.79 20.86 -11.05
N HIS A 92 4.79 19.76 -11.78
CA HIS A 92 4.39 19.76 -13.20
C HIS A 92 3.12 18.92 -13.25
N THR A 93 2.16 19.31 -14.09
CA THR A 93 0.92 18.56 -14.18
C THR A 93 1.22 17.20 -14.81
N MET A 94 0.46 16.18 -14.41
CA MET A 94 0.64 14.84 -14.97
C MET A 94 0.37 14.87 -16.48
N LEU A 95 -0.56 15.73 -16.90
CA LEU A 95 -0.91 15.90 -18.32
C LEU A 95 0.33 16.36 -19.06
N ASP A 96 1.01 17.35 -18.48
CA ASP A 96 2.21 17.90 -19.08
C ASP A 96 3.36 16.90 -19.12
N ILE A 97 3.66 16.25 -17.99
CA ILE A 97 4.75 15.29 -17.99
C ILE A 97 4.55 14.14 -18.97
N CYS A 98 3.33 13.62 -19.06
CA CYS A 98 3.03 12.53 -19.99
C CYS A 98 3.04 13.01 -21.45
N SER A 99 2.60 14.26 -21.67
CA SER A 99 2.58 14.84 -23.02
C SER A 99 3.98 14.95 -23.59
N ARG A 100 4.97 15.23 -22.74
CA ARG A 100 6.32 15.36 -23.22
C ARG A 100 7.18 14.09 -23.20
N ILE A 101 6.90 13.18 -22.27
CA ILE A 101 7.68 11.95 -22.19
C ILE A 101 7.22 10.80 -23.10
N LEU A 102 5.91 10.51 -23.12
CA LEU A 102 5.36 9.40 -23.91
C LEU A 102 5.63 9.40 -25.41
N PRO A 103 5.53 10.57 -26.08
CA PRO A 103 5.80 10.56 -27.53
C PRO A 103 7.27 10.18 -27.82
N LYS A 104 8.14 10.28 -26.83
CA LYS A 104 9.55 9.95 -27.03
C LYS A 104 9.92 8.49 -26.80
N ALA A 105 9.01 7.71 -26.23
CA ALA A 105 9.29 6.30 -25.96
C ALA A 105 9.28 5.42 -27.21
N GLN A 106 10.03 4.32 -27.19
CA GLN A 106 10.07 3.37 -28.31
C GLN A 106 8.75 2.63 -28.33
N ALA A 107 8.21 2.37 -27.14
CA ALA A 107 6.93 1.68 -26.97
C ALA A 107 6.39 2.13 -25.64
N VAL A 108 5.07 2.16 -25.53
CA VAL A 108 4.40 2.56 -24.31
C VAL A 108 3.34 1.52 -23.92
N ILE A 109 3.38 1.10 -22.67
CA ILE A 109 2.42 0.13 -22.14
C ILE A 109 1.58 0.78 -21.03
N ALA A 110 0.27 0.86 -21.24
CA ALA A 110 -0.65 1.40 -20.22
C ALA A 110 -1.03 0.16 -19.39
N TYR A 111 -0.57 0.12 -18.14
CA TYR A 111 -0.79 -1.01 -17.24
C TYR A 111 -1.83 -0.66 -16.18
N GLY A 112 -2.97 -1.35 -16.23
CA GLY A 112 -4.05 -1.15 -15.27
C GLY A 112 -5.21 -0.39 -15.92
N THR A 113 -6.43 -0.73 -15.52
CA THR A 113 -7.64 -0.08 -16.04
C THR A 113 -7.64 1.47 -15.92
N CYS A 114 -6.95 2.00 -14.93
CA CYS A 114 -6.86 3.45 -14.78
C CYS A 114 -6.08 4.07 -15.93
N ALA A 115 -4.93 3.49 -16.25
CA ALA A 115 -4.06 3.95 -17.33
C ALA A 115 -4.66 3.66 -18.69
N THR A 116 -5.35 2.55 -18.82
CA THR A 116 -5.96 2.24 -20.10
C THR A 116 -7.28 2.94 -20.44
N PHE A 117 -8.20 3.03 -19.47
CA PHE A 117 -9.53 3.61 -19.76
C PHE A 117 -10.02 4.77 -18.86
N GLY A 118 -9.24 5.19 -17.87
CA GLY A 118 -9.67 6.27 -17.01
C GLY A 118 -9.74 5.79 -15.57
N GLY A 119 -10.35 4.62 -15.40
CA GLY A 119 -10.43 3.98 -14.09
C GLY A 119 -11.34 4.56 -13.03
N VAL A 120 -11.01 4.24 -11.78
CA VAL A 120 -11.82 4.65 -10.64
C VAL A 120 -12.09 6.15 -10.54
N GLN A 121 -11.07 6.99 -10.72
CA GLN A 121 -11.29 8.43 -10.64
C GLN A 121 -12.10 9.01 -11.83
N ALA A 122 -12.26 8.25 -12.91
CA ALA A 122 -13.02 8.73 -14.06
C ALA A 122 -14.49 8.38 -13.95
N ALA A 123 -14.86 7.65 -12.90
CA ALA A 123 -16.26 7.28 -12.70
C ALA A 123 -17.09 8.55 -12.45
N LYS A 124 -18.36 8.53 -12.83
CA LYS A 124 -19.25 9.68 -12.65
C LYS A 124 -19.19 10.23 -11.21
N PRO A 125 -19.19 11.57 -11.04
CA PRO A 125 -19.25 12.63 -12.07
C PRO A 125 -17.90 13.09 -12.58
N ASN A 126 -16.87 12.27 -12.35
CA ASN A 126 -15.51 12.53 -12.80
C ASN A 126 -15.03 13.97 -12.46
N PRO A 127 -14.88 14.27 -11.16
CA PRO A 127 -14.45 15.60 -10.68
C PRO A 127 -13.14 16.15 -11.27
N THR A 128 -12.19 15.27 -11.56
CA THR A 128 -10.91 15.71 -12.07
C THR A 128 -10.76 15.56 -13.59
N GLY A 129 -11.84 15.19 -14.27
CA GLY A 129 -11.76 15.02 -15.72
C GLY A 129 -10.67 14.04 -16.12
N ALA A 130 -10.55 12.95 -15.37
CA ALA A 130 -9.55 11.91 -15.64
C ALA A 130 -9.82 11.14 -16.95
N LYS A 131 -8.73 10.87 -17.67
CA LYS A 131 -8.82 10.13 -18.93
C LYS A 131 -7.75 9.03 -19.03
N GLY A 132 -8.00 8.06 -19.89
CA GLY A 132 -7.02 7.02 -20.15
C GLY A 132 -5.92 7.61 -20.99
N VAL A 133 -4.75 6.99 -21.02
CA VAL A 133 -3.62 7.50 -21.79
C VAL A 133 -3.91 7.81 -23.26
N ASN A 134 -4.47 6.86 -24.00
CA ASN A 134 -4.76 7.05 -25.42
C ASN A 134 -5.80 8.13 -25.70
N ASP A 135 -6.77 8.25 -24.80
CA ASP A 135 -7.84 9.25 -24.94
C ASP A 135 -7.21 10.63 -24.77
N ALA A 136 -6.56 10.85 -23.62
CA ALA A 136 -5.92 12.11 -23.30
C ALA A 136 -4.83 12.56 -24.27
N LEU A 137 -4.09 11.61 -24.83
CA LEU A 137 -3.00 11.98 -25.71
C LEU A 137 -3.19 11.62 -27.17
N LYS A 138 -4.44 11.47 -27.59
CA LYS A 138 -4.74 11.14 -28.99
C LYS A 138 -4.16 12.17 -29.94
N HIS A 139 -4.38 13.45 -29.61
CA HIS A 139 -3.87 14.56 -30.42
C HIS A 139 -2.37 14.49 -30.66
N LEU A 140 -1.64 13.79 -29.79
CA LEU A 140 -0.20 13.67 -29.92
C LEU A 140 0.25 12.41 -30.64
N GLY A 141 -0.72 11.58 -31.05
CA GLY A 141 -0.39 10.34 -31.74
C GLY A 141 0.07 9.21 -30.84
N VAL A 142 -0.16 9.33 -29.54
CA VAL A 142 0.24 8.28 -28.61
C VAL A 142 -0.72 7.07 -28.68
N LYS A 143 -0.17 5.88 -28.88
CA LYS A 143 -0.96 4.67 -28.97
C LYS A 143 -0.34 3.54 -28.10
N ALA A 144 -0.70 3.53 -26.82
CA ALA A 144 -0.20 2.54 -25.88
C ALA A 144 -0.89 1.18 -25.96
N ILE A 145 -0.13 0.13 -25.68
CA ILE A 145 -0.66 -1.24 -25.61
C ILE A 145 -1.40 -1.23 -24.25
N ASN A 146 -2.69 -1.59 -24.26
CA ASN A 146 -3.48 -1.58 -23.03
C ASN A 146 -3.56 -2.92 -22.31
N ILE A 147 -3.01 -3.01 -21.11
CA ILE A 147 -3.07 -4.25 -20.30
C ILE A 147 -4.09 -3.95 -19.20
N ALA A 148 -5.35 -4.33 -19.40
CA ALA A 148 -6.38 -3.99 -18.43
C ALA A 148 -6.51 -4.90 -17.21
N GLY A 149 -7.22 -4.40 -16.19
CA GLY A 149 -7.40 -5.15 -14.96
C GLY A 149 -7.19 -4.22 -13.77
N CYS A 150 -7.78 -4.53 -12.61
CA CYS A 150 -7.67 -3.66 -11.45
C CYS A 150 -7.23 -4.38 -10.16
N PRO A 151 -5.95 -4.78 -10.08
CA PRO A 151 -4.89 -4.63 -11.06
C PRO A 151 -4.85 -5.81 -12.03
N PRO A 152 -4.07 -5.70 -13.11
CA PRO A 152 -4.01 -6.83 -14.07
C PRO A 152 -3.18 -8.00 -13.50
N ASN A 153 -3.23 -9.14 -14.18
CA ASN A 153 -2.42 -10.29 -13.77
C ASN A 153 -1.00 -9.92 -14.23
N PRO A 154 0.00 -9.97 -13.32
CA PRO A 154 1.37 -9.61 -13.71
C PRO A 154 1.95 -10.51 -14.82
N TYR A 155 1.39 -11.71 -14.95
CA TYR A 155 1.78 -12.67 -16.00
C TYR A 155 1.59 -11.98 -17.38
N ASN A 156 0.57 -11.12 -17.48
CA ASN A 156 0.25 -10.42 -18.72
C ASN A 156 1.24 -9.29 -19.06
N LEU A 157 1.78 -8.63 -18.04
CA LEU A 157 2.74 -7.57 -18.29
C LEU A 157 4.06 -8.18 -18.76
N VAL A 158 4.59 -9.13 -17.98
CA VAL A 158 5.86 -9.78 -18.32
C VAL A 158 5.77 -10.46 -19.68
N GLY A 159 4.63 -11.10 -19.94
CA GLY A 159 4.40 -11.77 -21.21
C GLY A 159 4.45 -10.80 -22.37
N THR A 160 3.83 -9.64 -22.24
CA THR A 160 3.83 -8.63 -23.29
C THR A 160 5.23 -8.07 -23.53
N ILE A 161 5.95 -7.73 -22.46
CA ILE A 161 7.29 -7.17 -22.59
C ILE A 161 8.22 -8.19 -23.25
N VAL A 162 8.19 -9.44 -22.77
CA VAL A 162 9.04 -10.50 -23.31
C VAL A 162 8.74 -10.71 -24.79
N TYR A 163 7.48 -10.51 -25.19
CA TYR A 163 7.09 -10.64 -26.59
C TYR A 163 7.69 -9.48 -27.38
N TYR A 164 7.59 -8.28 -26.84
CA TYR A 164 8.11 -7.09 -27.50
C TYR A 164 9.62 -7.19 -27.67
N LEU A 165 10.32 -7.61 -26.63
CA LEU A 165 11.76 -7.72 -26.71
C LEU A 165 12.18 -8.78 -27.73
N LYS A 166 11.44 -9.87 -27.82
CA LYS A 166 11.77 -10.91 -28.77
C LYS A 166 11.43 -10.58 -30.22
N ASN A 167 10.21 -10.09 -30.44
CA ASN A 167 9.76 -9.78 -31.79
C ASN A 167 9.88 -8.33 -32.24
N LYS A 168 10.35 -7.45 -31.37
CA LYS A 168 10.50 -6.04 -31.71
C LYS A 168 9.20 -5.40 -32.22
N ALA A 169 8.07 -5.89 -31.73
CA ALA A 169 6.77 -5.39 -32.16
C ALA A 169 5.69 -5.74 -31.14
N ALA A 170 4.56 -5.05 -31.23
CA ALA A 170 3.45 -5.30 -30.33
C ALA A 170 2.73 -6.56 -30.81
N PRO A 171 2.12 -7.31 -29.88
CA PRO A 171 1.41 -8.51 -30.34
C PRO A 171 0.05 -8.08 -30.93
N GLU A 172 -0.75 -9.04 -31.38
CA GLU A 172 -2.07 -8.73 -31.94
C GLU A 172 -2.94 -8.12 -30.85
N LEU A 173 -3.62 -7.02 -31.17
CA LEU A 173 -4.47 -6.28 -30.23
C LEU A 173 -5.95 -6.25 -30.65
N ASP A 174 -6.85 -6.25 -29.67
CA ASP A 174 -8.29 -6.17 -29.94
C ASP A 174 -8.70 -4.70 -30.20
N SER A 175 -9.99 -4.44 -30.36
CA SER A 175 -10.47 -3.08 -30.65
C SER A 175 -10.27 -2.06 -29.51
N LEU A 176 -9.95 -2.56 -28.32
CA LEU A 176 -9.66 -1.72 -27.14
C LEU A 176 -8.14 -1.67 -26.93
N ASN A 177 -7.40 -2.14 -27.93
CA ASN A 177 -5.93 -2.17 -27.92
C ASN A 177 -5.27 -3.09 -26.87
N ARG A 178 -5.97 -4.15 -26.47
CA ARG A 178 -5.47 -5.12 -25.49
C ARG A 178 -4.98 -6.36 -26.21
N PRO A 179 -3.88 -7.01 -25.74
CA PRO A 179 -3.37 -8.21 -26.42
C PRO A 179 -4.36 -9.38 -26.43
N THR A 180 -4.64 -9.88 -27.62
CA THR A 180 -5.57 -10.98 -27.81
C THR A 180 -5.06 -12.30 -27.18
N MET A 181 -3.75 -12.41 -26.93
CA MET A 181 -3.22 -13.62 -26.32
C MET A 181 -3.57 -13.78 -24.83
N PHE A 182 -4.02 -12.69 -24.21
CA PHE A 182 -4.42 -12.70 -22.79
C PHE A 182 -5.87 -12.27 -22.59
N PHE A 183 -6.39 -11.44 -23.50
CA PHE A 183 -7.76 -10.93 -23.40
C PHE A 183 -8.72 -11.41 -24.47
N GLY A 184 -8.39 -12.51 -25.13
CA GLY A 184 -9.24 -13.01 -26.20
C GLY A 184 -10.50 -13.78 -25.82
N GLN A 185 -10.61 -14.19 -24.55
CA GLN A 185 -11.77 -14.95 -24.08
C GLN A 185 -12.44 -14.27 -22.90
N THR A 186 -13.73 -14.50 -22.74
CA THR A 186 -14.43 -13.95 -21.58
C THR A 186 -14.01 -14.81 -20.37
N VAL A 187 -14.12 -14.22 -19.18
CA VAL A 187 -13.81 -14.96 -17.96
C VAL A 187 -14.81 -16.12 -17.84
N HIS A 188 -16.07 -15.82 -18.20
CA HIS A 188 -17.17 -16.77 -18.16
C HIS A 188 -16.93 -18.07 -18.93
N GLU A 189 -16.41 -17.99 -20.15
CA GLU A 189 -16.18 -19.23 -20.90
C GLU A 189 -15.10 -20.13 -20.31
N GLN A 190 -14.31 -19.59 -19.40
CA GLN A 190 -13.23 -20.34 -18.76
C GLN A 190 -13.56 -20.71 -17.31
N CYS A 191 -14.78 -20.39 -16.86
CA CYS A 191 -15.17 -20.65 -15.48
C CYS A 191 -15.55 -22.08 -15.11
N PRO A 192 -15.08 -22.58 -13.95
CA PRO A 192 -15.42 -23.95 -13.54
C PRO A 192 -16.92 -24.10 -13.27
N ARG A 193 -17.60 -22.99 -13.01
CA ARG A 193 -19.02 -23.03 -12.70
C ARG A 193 -19.94 -22.92 -13.91
N LEU A 194 -19.36 -22.84 -15.11
CA LEU A 194 -20.17 -22.74 -16.34
C LEU A 194 -21.23 -23.84 -16.45
N PRO A 195 -20.91 -25.08 -16.05
CA PRO A 195 -21.91 -26.16 -16.15
C PRO A 195 -23.18 -25.84 -15.35
N HIS A 196 -23.02 -25.13 -14.23
CA HIS A 196 -24.16 -24.73 -13.40
C HIS A 196 -24.96 -23.64 -14.11
N PHE A 197 -24.24 -22.69 -14.70
CA PHE A 197 -24.87 -21.59 -15.45
C PHE A 197 -25.78 -22.19 -16.53
N ASP A 198 -25.23 -23.10 -17.32
CA ASP A 198 -26.00 -23.75 -18.37
C ASP A 198 -27.24 -24.46 -17.83
N ALA A 199 -27.12 -25.05 -16.64
CA ALA A 199 -28.23 -25.75 -16.01
C ALA A 199 -29.19 -24.83 -15.28
N GLY A 200 -28.90 -23.53 -15.28
CA GLY A 200 -29.76 -22.59 -14.59
C GLY A 200 -29.69 -22.75 -13.08
N GLU A 201 -28.59 -23.33 -12.61
CA GLU A 201 -28.34 -23.55 -11.18
C GLU A 201 -27.57 -22.35 -10.62
N PHE A 202 -28.31 -21.38 -10.11
CA PHE A 202 -27.76 -20.15 -9.58
C PHE A 202 -27.92 -20.02 -8.07
N ALA A 203 -26.88 -19.49 -7.44
CA ALA A 203 -26.89 -19.25 -6.01
C ALA A 203 -27.80 -18.01 -5.77
N PRO A 204 -28.80 -18.13 -4.88
CA PRO A 204 -29.70 -16.98 -4.62
C PRO A 204 -29.18 -15.99 -3.59
N SER A 205 -28.23 -16.42 -2.77
CA SER A 205 -27.63 -15.59 -1.74
C SER A 205 -26.27 -16.17 -1.33
N PHE A 206 -25.44 -15.37 -0.69
CA PHE A 206 -24.12 -15.86 -0.29
C PHE A 206 -24.17 -16.86 0.85
N GLU A 207 -25.21 -16.79 1.67
CA GLU A 207 -25.34 -17.71 2.81
C GLU A 207 -26.04 -19.03 2.47
N SER A 208 -26.52 -19.15 1.24
CA SER A 208 -27.24 -20.35 0.84
C SER A 208 -26.42 -21.63 0.67
N GLU A 209 -27.11 -22.75 0.65
CA GLU A 209 -26.49 -24.05 0.46
C GLU A 209 -25.94 -24.14 -0.96
N GLU A 210 -26.63 -23.55 -1.92
CA GLU A 210 -26.14 -23.59 -3.30
C GLU A 210 -24.83 -22.84 -3.44
N ALA A 211 -24.65 -21.77 -2.67
CA ALA A 211 -23.38 -21.03 -2.71
C ALA A 211 -22.29 -21.94 -2.11
N ARG A 212 -22.62 -22.59 -1.00
CA ARG A 212 -21.67 -23.49 -0.35
C ARG A 212 -21.29 -24.65 -1.27
N LYS A 213 -22.25 -25.07 -2.10
CA LYS A 213 -22.01 -26.14 -3.06
C LYS A 213 -21.31 -25.68 -4.34
N GLY A 214 -21.09 -24.36 -4.48
CA GLY A 214 -20.43 -23.85 -5.68
C GLY A 214 -21.29 -23.57 -6.92
N TRP A 215 -22.55 -23.21 -6.71
CA TRP A 215 -23.49 -22.87 -7.80
C TRP A 215 -23.00 -21.57 -8.51
N CYS A 216 -23.50 -21.31 -9.72
CA CYS A 216 -23.11 -20.11 -10.48
C CYS A 216 -23.53 -18.81 -9.76
N LEU A 217 -22.67 -17.79 -9.87
CA LEU A 217 -22.92 -16.49 -9.22
C LEU A 217 -23.57 -15.37 -10.07
N TYR A 218 -24.17 -15.73 -11.21
CA TYR A 218 -24.79 -14.72 -12.08
C TYR A 218 -25.95 -13.93 -11.44
N GLU A 219 -26.81 -14.62 -10.72
CA GLU A 219 -27.94 -13.97 -10.06
C GLU A 219 -27.42 -12.97 -9.00
N LEU A 220 -26.22 -13.23 -8.49
CA LEU A 220 -25.60 -12.36 -7.49
C LEU A 220 -24.77 -11.23 -8.12
N GLY A 221 -24.93 -11.05 -9.44
CA GLY A 221 -24.25 -9.99 -10.16
C GLY A 221 -22.96 -10.23 -10.91
N CYS A 222 -22.51 -11.49 -11.00
CA CYS A 222 -21.25 -11.79 -11.71
C CYS A 222 -21.19 -11.21 -13.13
N LYS A 223 -20.13 -10.46 -13.40
CA LYS A 223 -19.92 -9.86 -14.72
C LYS A 223 -19.04 -10.68 -15.67
N GLY A 224 -18.75 -11.93 -15.29
CA GLY A 224 -17.95 -12.83 -16.12
C GLY A 224 -18.35 -12.91 -17.58
N PRO A 225 -19.67 -12.97 -17.89
CA PRO A 225 -20.18 -13.04 -19.27
C PRO A 225 -19.89 -11.82 -20.17
N VAL A 226 -19.56 -10.69 -19.57
CA VAL A 226 -19.31 -9.45 -20.31
C VAL A 226 -17.89 -8.89 -20.07
N THR A 227 -17.00 -9.71 -19.53
CA THR A 227 -15.64 -9.29 -19.21
C THR A 227 -14.54 -10.18 -19.86
N MET A 228 -13.53 -9.55 -20.45
CA MET A 228 -12.44 -10.26 -21.12
C MET A 228 -11.18 -10.23 -20.23
N ASN A 229 -10.67 -11.41 -19.85
CA ASN A 229 -9.48 -11.51 -18.98
C ASN A 229 -9.12 -13.00 -18.90
N ASN A 230 -7.92 -13.33 -18.41
CA ASN A 230 -7.50 -14.74 -18.29
C ASN A 230 -7.42 -15.28 -16.86
N CYS A 231 -8.23 -14.73 -15.97
CA CYS A 231 -8.24 -15.12 -14.56
C CYS A 231 -8.40 -16.60 -14.14
N PRO A 232 -9.39 -17.30 -14.69
CA PRO A 232 -9.60 -18.71 -14.31
C PRO A 232 -8.45 -19.64 -14.74
N LYS A 233 -7.70 -19.21 -15.74
CA LYS A 233 -6.62 -20.01 -16.29
C LYS A 233 -5.30 -19.85 -15.56
N ILE A 234 -4.88 -18.60 -15.43
CA ILE A 234 -3.61 -18.29 -14.78
C ILE A 234 -3.74 -18.20 -13.27
N LYS A 235 -4.91 -17.73 -12.83
CA LYS A 235 -5.20 -17.52 -11.41
C LYS A 235 -4.22 -16.46 -10.89
N PHE A 236 -4.34 -16.16 -9.59
CA PHE A 236 -3.51 -15.16 -8.96
C PHE A 236 -2.68 -15.77 -7.83
N ASN A 237 -1.45 -15.28 -7.68
CA ASN A 237 -0.51 -15.74 -6.64
C ASN A 237 -0.39 -17.28 -6.67
N GLN A 238 -0.45 -17.84 -7.88
CA GLN A 238 -0.35 -19.29 -8.10
C GLN A 238 -1.32 -20.10 -7.25
N THR A 239 -2.45 -19.51 -6.86
CA THR A 239 -3.37 -20.29 -6.03
C THR A 239 -4.89 -20.03 -6.02
N ASN A 240 -5.35 -18.85 -6.45
CA ASN A 240 -6.80 -18.59 -6.37
C ASN A 240 -7.33 -17.51 -7.36
N TRP A 241 -8.65 -17.33 -7.39
CA TRP A 241 -9.31 -16.35 -8.29
C TRP A 241 -10.70 -15.97 -7.70
N PRO A 242 -11.20 -14.74 -7.97
CA PRO A 242 -12.51 -14.34 -7.42
C PRO A 242 -13.64 -15.38 -7.28
N VAL A 243 -14.10 -16.01 -8.36
CA VAL A 243 -15.20 -16.96 -8.16
C VAL A 243 -14.83 -18.24 -7.44
N ASP A 244 -13.57 -18.66 -7.49
CA ASP A 244 -13.15 -19.85 -6.74
C ASP A 244 -13.18 -19.50 -5.26
N ALA A 245 -13.12 -18.20 -4.95
CA ALA A 245 -13.21 -17.75 -3.55
C ALA A 245 -14.67 -17.42 -3.23
N GLY A 246 -15.56 -17.71 -4.18
CA GLY A 246 -16.99 -17.52 -3.99
C GLY A 246 -17.60 -16.15 -4.25
N HIS A 247 -16.83 -15.21 -4.79
CA HIS A 247 -17.36 -13.88 -5.06
C HIS A 247 -17.48 -13.60 -6.56
N PRO A 248 -18.58 -12.92 -6.98
CA PRO A 248 -18.71 -12.63 -8.42
C PRO A 248 -17.63 -11.69 -8.99
N CYS A 249 -17.42 -11.81 -10.30
CA CYS A 249 -16.51 -10.97 -11.05
C CYS A 249 -17.18 -9.59 -11.12
N ILE A 250 -16.40 -8.52 -11.00
CA ILE A 250 -16.94 -7.15 -11.09
C ILE A 250 -16.62 -6.46 -12.42
N GLY A 251 -16.06 -7.24 -13.37
CA GLY A 251 -15.73 -6.74 -14.70
C GLY A 251 -14.60 -5.73 -14.74
N CYS A 252 -13.60 -5.93 -13.89
CA CYS A 252 -12.50 -4.97 -13.76
C CYS A 252 -11.56 -4.69 -14.91
N SER A 253 -11.62 -5.50 -15.96
CA SER A 253 -10.74 -5.27 -17.10
C SER A 253 -11.47 -4.55 -18.25
N GLU A 254 -12.70 -4.10 -17.99
CA GLU A 254 -13.52 -3.41 -18.98
C GLU A 254 -13.53 -1.88 -18.89
N PRO A 255 -13.58 -1.20 -20.05
CA PRO A 255 -13.58 0.26 -20.19
C PRO A 255 -14.21 1.19 -19.17
N ASP A 256 -15.51 1.13 -18.92
CA ASP A 256 -16.03 2.09 -17.95
C ASP A 256 -16.77 1.26 -16.91
N PHE A 257 -16.11 0.22 -16.44
CA PHE A 257 -16.77 -0.72 -15.53
C PHE A 257 -17.41 -0.17 -14.28
N TRP A 258 -16.82 0.87 -13.69
CA TRP A 258 -17.38 1.47 -12.47
C TRP A 258 -18.81 1.97 -12.66
N ASP A 259 -19.15 2.40 -13.87
CA ASP A 259 -20.50 2.88 -14.17
C ASP A 259 -21.28 1.87 -14.99
N ALA A 260 -20.59 1.12 -15.86
CA ALA A 260 -21.26 0.14 -16.69
C ALA A 260 -21.65 -1.16 -15.97
N MET A 261 -20.82 -1.62 -15.02
CA MET A 261 -21.06 -2.88 -14.29
C MET A 261 -21.79 -2.74 -12.98
N THR A 262 -22.13 -1.51 -12.67
CA THR A 262 -22.77 -1.18 -11.42
C THR A 262 -24.31 -1.04 -11.56
N PRO A 263 -25.10 -1.50 -10.57
CA PRO A 263 -24.78 -2.15 -9.28
C PRO A 263 -24.05 -3.49 -9.44
N PHE A 264 -22.99 -3.69 -8.66
CA PHE A 264 -22.19 -4.92 -8.74
C PHE A 264 -22.94 -6.20 -8.40
N TYR A 265 -23.92 -6.11 -7.51
CA TYR A 265 -24.69 -7.29 -7.11
C TYR A 265 -26.01 -7.51 -7.89
N GLN A 266 -26.14 -6.87 -9.06
CA GLN A 266 -27.33 -7.02 -9.91
C GLN A 266 -26.96 -7.40 -11.34
N ASN A 267 -27.85 -8.15 -11.98
CA ASN A 267 -27.72 -8.51 -13.40
C ASN A 267 -29.13 -8.37 -13.98
N SER B 1 29.63 26.84 7.39
CA SER B 1 29.42 25.52 6.75
C SER B 1 27.97 25.02 6.93
N SER B 2 27.41 25.21 8.12
CA SER B 2 26.05 24.78 8.39
C SER B 2 25.11 25.47 7.40
N TYR B 3 24.36 24.68 6.65
CA TYR B 3 23.44 25.21 5.65
C TYR B 3 22.19 25.93 6.20
N SER B 4 21.83 27.02 5.53
CA SER B 4 20.65 27.81 5.87
C SER B 4 19.96 28.15 4.55
N GLY B 5 18.69 27.78 4.44
CA GLY B 5 17.95 28.05 3.23
C GLY B 5 16.87 27.00 3.09
N PRO B 6 16.12 27.01 1.98
CA PRO B 6 15.05 26.03 1.78
C PRO B 6 15.49 24.72 1.14
N ILE B 7 14.71 23.68 1.40
CA ILE B 7 14.96 22.36 0.80
C ILE B 7 13.59 21.80 0.43
N VAL B 8 13.48 21.33 -0.80
CA VAL B 8 12.24 20.76 -1.28
C VAL B 8 12.58 19.38 -1.78
N VAL B 9 11.75 18.40 -1.43
CA VAL B 9 11.95 17.04 -1.91
C VAL B 9 10.60 16.67 -2.51
N ASP B 10 10.55 16.72 -3.84
CA ASP B 10 9.35 16.43 -4.62
C ASP B 10 9.84 15.80 -5.93
N PRO B 11 9.56 14.52 -6.15
CA PRO B 11 8.81 13.60 -5.29
C PRO B 11 9.59 12.91 -4.15
N VAL B 12 8.88 12.57 -3.07
CA VAL B 12 9.48 11.83 -1.99
C VAL B 12 9.25 10.42 -2.50
N THR B 13 10.33 9.70 -2.75
CA THR B 13 10.24 8.34 -3.26
C THR B 13 10.24 7.33 -2.12
N ARG B 14 10.04 6.06 -2.47
CA ARG B 14 9.97 4.97 -1.49
C ARG B 14 8.89 5.14 -0.44
N ILE B 15 7.73 5.58 -0.92
CA ILE B 15 6.49 5.74 -0.15
C ILE B 15 5.41 5.44 -1.17
N GLU B 16 4.16 5.33 -0.73
CA GLU B 16 3.07 5.14 -1.67
C GLU B 16 2.49 6.53 -1.97
N GLY B 17 2.32 6.85 -3.24
CA GLY B 17 1.71 8.13 -3.59
C GLY B 17 2.58 9.33 -3.87
N HIS B 18 1.93 10.48 -4.04
CA HIS B 18 2.59 11.72 -4.39
C HIS B 18 2.69 12.76 -3.26
N LEU B 19 3.89 12.84 -2.68
CA LEU B 19 4.19 13.73 -1.56
C LEU B 19 5.26 14.74 -1.94
N ARG B 20 5.08 15.98 -1.49
CA ARG B 20 6.04 17.07 -1.67
C ARG B 20 6.35 17.55 -0.24
N ILE B 21 7.61 17.47 0.16
CA ILE B 21 8.03 17.91 1.50
C ILE B 21 8.82 19.20 1.32
N GLU B 22 8.45 20.22 2.07
CA GLU B 22 9.15 21.50 2.02
C GLU B 22 9.62 21.83 3.42
N VAL B 23 10.91 22.14 3.58
CA VAL B 23 11.43 22.52 4.90
C VAL B 23 12.29 23.77 4.82
N GLU B 24 12.41 24.45 5.95
CA GLU B 24 13.24 25.66 6.08
C GLU B 24 14.36 25.21 7.02
N VAL B 25 15.61 25.27 6.55
CA VAL B 25 16.74 24.86 7.38
C VAL B 25 17.62 26.05 7.76
N GLU B 26 18.03 26.06 9.02
CA GLU B 26 18.85 27.12 9.56
C GLU B 26 20.03 26.47 10.30
N ASN B 27 21.24 26.76 9.85
CA ASN B 27 22.44 26.24 10.48
C ASN B 27 22.49 24.72 10.58
N GLY B 28 22.18 24.04 9.49
CA GLY B 28 22.23 22.59 9.47
C GLY B 28 21.10 21.83 10.13
N LYS B 29 20.10 22.53 10.67
CA LYS B 29 18.96 21.89 11.32
C LYS B 29 17.62 22.47 10.84
N VAL B 30 16.64 21.60 10.66
CA VAL B 30 15.33 22.03 10.20
C VAL B 30 14.60 22.84 11.26
N LYS B 31 14.04 23.99 10.87
CA LYS B 31 13.29 24.82 11.80
C LYS B 31 11.78 24.94 11.44
N ASN B 32 11.42 24.53 10.22
CA ASN B 32 10.02 24.57 9.77
C ASN B 32 9.78 23.57 8.65
N ALA B 33 8.56 23.03 8.58
CA ALA B 33 8.21 22.02 7.57
C ALA B 33 6.77 22.10 7.10
N TYR B 34 6.53 21.65 5.87
CA TYR B 34 5.22 21.62 5.24
C TYR B 34 5.05 20.26 4.55
N SER B 35 3.89 19.64 4.77
CA SER B 35 3.56 18.36 4.17
C SER B 35 2.49 18.59 3.09
N SER B 36 2.90 18.56 1.83
CA SER B 36 2.00 18.81 0.70
C SER B 36 1.70 17.59 -0.17
N SER B 37 0.43 17.17 -0.17
CA SER B 37 -0.03 16.04 -0.99
C SER B 37 -0.50 16.60 -2.33
N THR B 38 0.09 16.12 -3.42
CA THR B 38 -0.20 16.67 -4.74
C THR B 38 -1.13 16.00 -5.74
N LEU B 39 -1.93 15.04 -5.30
CA LEU B 39 -2.88 14.36 -6.19
C LEU B 39 -4.20 14.20 -5.46
N PHE B 40 -5.29 14.53 -6.16
CA PHE B 40 -6.66 14.41 -5.65
C PHE B 40 -7.44 13.55 -6.65
N ARG B 41 -8.25 12.60 -6.14
CA ARG B 41 -9.07 11.74 -7.00
C ARG B 41 -10.57 11.98 -6.72
N GLY B 42 -10.93 12.18 -5.46
CA GLY B 42 -12.32 12.47 -5.13
C GLY B 42 -13.30 11.30 -5.10
N LEU B 43 -12.87 10.18 -4.51
CA LEU B 43 -13.71 8.98 -4.40
C LEU B 43 -15.00 9.27 -3.61
N GLU B 44 -14.94 10.14 -2.61
CA GLU B 44 -16.13 10.47 -1.82
C GLU B 44 -17.20 11.17 -2.67
N ILE B 45 -16.77 11.99 -3.64
CA ILE B 45 -17.72 12.69 -4.52
C ILE B 45 -18.35 11.66 -5.46
N ILE B 46 -17.51 10.77 -5.99
CA ILE B 46 -17.93 9.71 -6.91
C ILE B 46 -18.96 8.74 -6.28
N LEU B 47 -18.82 8.50 -4.99
CA LEU B 47 -19.68 7.59 -4.24
C LEU B 47 -21.16 8.04 -4.04
N LYS B 48 -21.40 9.36 -4.06
CA LYS B 48 -22.74 9.89 -3.85
C LYS B 48 -23.85 9.30 -4.73
N GLY B 49 -24.95 8.92 -4.09
CA GLY B 49 -26.09 8.38 -4.82
C GLY B 49 -26.01 6.93 -5.27
N ARG B 50 -24.89 6.26 -4.98
CA ARG B 50 -24.73 4.86 -5.39
C ARG B 50 -25.24 3.88 -4.34
N ASP B 51 -25.26 2.59 -4.70
CA ASP B 51 -25.70 1.50 -3.83
C ASP B 51 -24.64 1.26 -2.74
N PRO B 52 -25.03 1.25 -1.46
CA PRO B 52 -24.08 1.03 -0.36
C PRO B 52 -23.26 -0.26 -0.52
N ARG B 53 -23.83 -1.29 -1.13
CA ARG B 53 -23.11 -2.54 -1.34
C ARG B 53 -21.88 -2.37 -2.24
N ASP B 54 -21.93 -1.36 -3.11
CA ASP B 54 -20.85 -1.08 -4.05
C ASP B 54 -19.66 -0.33 -3.44
N ALA B 55 -19.86 0.28 -2.28
CA ALA B 55 -18.80 1.07 -1.65
C ALA B 55 -17.46 0.38 -1.46
N GLN B 56 -17.44 -0.82 -0.88
CA GLN B 56 -16.18 -1.52 -0.62
C GLN B 56 -15.31 -1.74 -1.86
N HIS B 57 -15.95 -1.90 -3.02
CA HIS B 57 -15.22 -2.13 -4.25
C HIS B 57 -14.54 -0.88 -4.75
N PHE B 58 -15.21 0.27 -4.58
CA PHE B 58 -14.62 1.57 -4.97
C PHE B 58 -13.53 1.94 -3.94
N THR B 59 -13.86 1.87 -2.65
CA THR B 59 -12.91 2.25 -1.61
C THR B 59 -11.63 1.42 -1.51
N GLN B 60 -11.69 0.14 -1.89
CA GLN B 60 -10.47 -0.66 -1.83
C GLN B 60 -9.41 -0.04 -2.75
N ARG B 61 -9.89 0.58 -3.83
CA ARG B 61 -9.05 1.25 -4.83
C ARG B 61 -8.43 2.55 -4.30
N THR B 62 -8.71 2.88 -3.04
CA THR B 62 -8.10 4.04 -2.39
C THR B 62 -6.59 3.73 -2.35
N CYS B 63 -6.24 2.45 -2.11
CA CYS B 63 -4.84 2.05 -2.02
C CYS B 63 -4.54 0.56 -2.29
N GLY B 64 -3.47 0.34 -3.06
CA GLY B 64 -3.01 -1.01 -3.38
C GLY B 64 -1.92 -1.55 -2.46
N VAL B 65 -1.25 -0.69 -1.69
CA VAL B 65 -0.20 -1.14 -0.75
C VAL B 65 -0.93 -1.71 0.47
N CYS B 66 -1.78 -0.90 1.09
CA CYS B 66 -2.58 -1.40 2.20
C CYS B 66 -3.91 -1.85 1.53
N THR B 67 -3.77 -2.75 0.55
CA THR B 67 -4.89 -3.26 -0.27
C THR B 67 -6.28 -3.65 0.31
N TYR B 68 -6.36 -4.72 1.07
CA TYR B 68 -7.59 -5.22 1.70
C TYR B 68 -8.21 -4.34 2.80
N THR B 69 -7.38 -3.55 3.48
CA THR B 69 -7.84 -2.72 4.59
C THR B 69 -9.11 -1.86 4.35
N HIS B 70 -9.19 -1.19 3.20
CA HIS B 70 -10.37 -0.36 2.90
C HIS B 70 -11.63 -1.18 2.61
N ALA B 71 -11.46 -2.35 1.97
CA ALA B 71 -12.58 -3.27 1.73
C ALA B 71 -13.13 -3.71 3.10
N LEU B 72 -12.23 -4.01 4.03
CA LEU B 72 -12.62 -4.41 5.37
C LEU B 72 -13.32 -3.26 6.11
N ALA B 73 -12.77 -2.05 6.01
CA ALA B 73 -13.34 -0.87 6.65
C ALA B 73 -14.75 -0.54 6.13
N SER B 74 -14.93 -0.54 4.81
CA SER B 74 -16.23 -0.24 4.21
C SER B 74 -17.24 -1.31 4.58
N THR B 75 -16.82 -2.57 4.54
CA THR B 75 -17.72 -3.65 4.88
C THR B 75 -18.12 -3.59 6.35
N ARG B 76 -17.16 -3.28 7.24
CA ARG B 76 -17.48 -3.18 8.65
C ARG B 76 -18.45 -2.00 8.82
N CYS B 77 -18.28 -0.97 7.99
CA CYS B 77 -19.13 0.23 8.01
C CYS B 77 -20.56 -0.07 7.58
N VAL B 78 -20.74 -0.76 6.45
CA VAL B 78 -22.09 -1.09 6.01
C VAL B 78 -22.71 -2.16 6.92
N ASP B 79 -21.91 -3.15 7.36
CA ASP B 79 -22.39 -4.18 8.29
C ASP B 79 -23.04 -3.44 9.47
N ASN B 80 -22.30 -2.45 9.98
CA ASN B 80 -22.75 -1.65 11.11
C ASN B 80 -24.03 -0.86 10.82
N ALA B 81 -24.05 -0.13 9.69
CA ALA B 81 -25.23 0.67 9.32
C ALA B 81 -26.48 -0.19 9.19
N VAL B 82 -26.27 -1.40 8.70
CA VAL B 82 -27.29 -2.41 8.44
C VAL B 82 -27.72 -3.20 9.70
N GLY B 83 -26.86 -3.20 10.72
CA GLY B 83 -27.16 -3.91 11.96
C GLY B 83 -26.93 -5.41 11.95
N VAL B 84 -26.04 -5.91 11.09
CA VAL B 84 -25.76 -7.36 11.07
C VAL B 84 -24.60 -7.79 11.94
N HIS B 85 -24.70 -8.99 12.48
CA HIS B 85 -23.66 -9.56 13.31
C HIS B 85 -23.15 -10.77 12.56
N ILE B 86 -22.00 -10.63 11.92
CA ILE B 86 -21.43 -11.70 11.12
C ILE B 86 -21.05 -12.96 11.91
N PRO B 87 -21.01 -14.11 11.22
CA PRO B 87 -20.67 -15.37 11.89
C PRO B 87 -19.24 -15.41 12.45
N LYS B 88 -19.04 -16.26 13.47
CA LYS B 88 -17.74 -16.46 14.10
C LYS B 88 -16.62 -16.72 13.11
N ASN B 89 -16.90 -17.58 12.12
CA ASN B 89 -15.91 -17.91 11.09
C ASN B 89 -15.58 -16.72 10.18
N ALA B 90 -16.56 -15.84 9.96
CA ALA B 90 -16.36 -14.64 9.14
C ALA B 90 -15.33 -13.71 9.83
N THR B 91 -15.48 -13.53 11.14
CA THR B 91 -14.55 -12.72 11.93
C THR B 91 -13.16 -13.38 11.91
N TYR B 92 -13.08 -14.69 12.14
CA TYR B 92 -11.79 -15.38 12.11
C TYR B 92 -11.09 -15.23 10.77
N ILE B 93 -11.79 -15.51 9.68
CA ILE B 93 -11.19 -15.40 8.34
C ILE B 93 -10.75 -13.96 8.02
N ARG B 94 -11.61 -12.98 8.30
CA ARG B 94 -11.30 -11.56 8.05
C ARG B 94 -10.05 -11.18 8.85
N ASN B 95 -9.99 -11.66 10.10
CA ASN B 95 -8.85 -11.38 10.99
C ASN B 95 -7.55 -12.04 10.50
N LEU B 96 -7.62 -13.31 10.10
CA LEU B 96 -6.44 -14.01 9.62
C LEU B 96 -5.85 -13.33 8.37
N VAL B 97 -6.72 -12.84 7.47
CA VAL B 97 -6.26 -12.15 6.27
C VAL B 97 -5.61 -10.81 6.64
N LEU B 98 -6.17 -10.12 7.63
CA LEU B 98 -5.59 -8.84 8.07
C LEU B 98 -4.21 -9.09 8.71
N GLY B 99 -4.10 -10.17 9.49
CA GLY B 99 -2.84 -10.52 10.13
C GLY B 99 -1.77 -10.79 9.07
N ALA B 100 -2.16 -11.48 8.00
CA ALA B 100 -1.21 -11.75 6.92
C ALA B 100 -0.81 -10.44 6.23
N GLN B 101 -1.75 -9.51 6.09
CA GLN B 101 -1.45 -8.23 5.45
C GLN B 101 -0.37 -7.48 6.24
N TYR B 102 -0.47 -7.51 7.57
CA TYR B 102 0.51 -6.83 8.43
C TYR B 102 1.93 -7.34 8.20
N LEU B 103 2.10 -8.65 8.13
CA LEU B 103 3.44 -9.26 7.93
C LEU B 103 4.01 -8.89 6.56
N HIS B 104 3.18 -8.99 5.53
CA HIS B 104 3.63 -8.65 4.19
C HIS B 104 4.03 -7.17 4.12
N ASP B 105 3.13 -6.30 4.61
CA ASP B 105 3.34 -4.85 4.57
C ASP B 105 4.62 -4.39 5.28
N HIS B 106 4.79 -4.79 6.54
CA HIS B 106 5.96 -4.39 7.32
C HIS B 106 7.30 -4.94 6.80
N ILE B 107 7.31 -6.20 6.34
CA ILE B 107 8.54 -6.77 5.82
C ILE B 107 9.00 -5.95 4.61
N VAL B 108 8.06 -5.65 3.71
CA VAL B 108 8.35 -4.89 2.51
C VAL B 108 8.77 -3.46 2.87
N HIS B 109 8.14 -2.88 3.89
CA HIS B 109 8.50 -1.52 4.26
C HIS B 109 9.93 -1.44 4.77
N PHE B 110 10.27 -2.30 5.72
CA PHE B 110 11.63 -2.26 6.27
C PHE B 110 12.71 -2.44 5.22
N TYR B 111 12.62 -3.52 4.45
CA TYR B 111 13.63 -3.78 3.45
C TYR B 111 13.57 -2.97 2.18
N HIS B 112 12.40 -2.93 1.55
CA HIS B 112 12.24 -2.28 0.25
C HIS B 112 11.98 -0.78 0.20
N LEU B 113 11.40 -0.24 1.26
CA LEU B 113 11.13 1.20 1.28
C LEU B 113 12.06 1.98 2.24
N HIS B 114 12.29 1.43 3.43
CA HIS B 114 13.11 2.09 4.45
C HIS B 114 14.63 1.88 4.40
N ALA B 115 15.07 0.62 4.32
CA ALA B 115 16.49 0.24 4.35
C ALA B 115 17.50 1.01 3.53
N LEU B 116 17.14 1.47 2.33
CA LEU B 116 18.08 2.22 1.50
C LEU B 116 18.52 3.57 2.10
N ASP B 117 17.86 3.99 3.19
CA ASP B 117 18.24 5.22 3.87
C ASP B 117 19.37 4.94 4.86
N PHE B 118 19.60 3.65 5.18
CA PHE B 118 20.62 3.27 6.17
C PHE B 118 21.72 2.34 5.63
N VAL B 119 21.40 1.64 4.55
CA VAL B 119 22.30 0.68 3.95
C VAL B 119 22.94 1.20 2.68
N ASP B 120 24.26 1.09 2.59
CA ASP B 120 25.00 1.50 1.40
C ASP B 120 25.24 0.20 0.64
N VAL B 121 24.39 -0.09 -0.33
CA VAL B 121 24.49 -1.31 -1.13
C VAL B 121 25.85 -1.46 -1.85
N THR B 122 26.40 -0.37 -2.39
CA THR B 122 27.68 -0.44 -3.08
C THR B 122 28.86 -0.82 -2.16
N ALA B 123 28.73 -0.51 -0.87
CA ALA B 123 29.77 -0.82 0.11
C ALA B 123 29.89 -2.32 0.41
N ALA B 124 28.89 -3.11 0.00
CA ALA B 124 28.89 -4.56 0.21
C ALA B 124 29.92 -5.27 -0.69
N LEU B 125 30.36 -4.57 -1.73
CA LEU B 125 31.36 -5.12 -2.64
C LEU B 125 32.73 -5.27 -1.98
N LYS B 126 33.03 -4.42 -1.01
CA LYS B 126 34.32 -4.46 -0.33
C LYS B 126 34.32 -5.26 0.99
N ALA B 127 33.29 -6.08 1.21
CA ALA B 127 33.21 -6.88 2.43
C ALA B 127 33.92 -8.22 2.34
N ASP B 128 34.26 -8.77 3.51
CA ASP B 128 34.90 -10.06 3.64
C ASP B 128 33.73 -10.98 3.98
N PRO B 129 33.33 -11.85 3.04
CA PRO B 129 32.20 -12.74 3.31
C PRO B 129 32.41 -13.72 4.47
N ALA B 130 33.66 -14.10 4.73
CA ALA B 130 33.94 -15.02 5.84
C ALA B 130 33.62 -14.35 7.20
N LYS B 131 34.08 -13.11 7.36
CA LYS B 131 33.83 -12.34 8.58
C LYS B 131 32.33 -12.01 8.67
N ALA B 132 31.74 -11.66 7.53
CA ALA B 132 30.32 -11.33 7.47
C ALA B 132 29.47 -12.55 7.89
N ALA B 133 29.88 -13.75 7.48
CA ALA B 133 29.13 -14.96 7.84
C ALA B 133 29.18 -15.21 9.36
N LYS B 134 30.34 -14.91 9.95
CA LYS B 134 30.53 -15.06 11.39
C LYS B 134 29.51 -14.16 12.11
N VAL B 135 29.50 -12.88 11.72
CA VAL B 135 28.59 -11.90 12.30
C VAL B 135 27.13 -12.35 12.13
N ALA B 136 26.74 -12.67 10.90
CA ALA B 136 25.38 -13.11 10.63
C ALA B 136 24.96 -14.28 11.53
N SER B 137 25.81 -15.30 11.64
CA SER B 137 25.50 -16.47 12.45
C SER B 137 25.45 -16.20 13.95
N SER B 138 26.10 -15.13 14.41
CA SER B 138 26.11 -14.80 15.82
C SER B 138 24.85 -14.06 16.24
N ILE B 139 24.22 -13.36 15.29
CA ILE B 139 23.01 -12.62 15.61
C ILE B 139 21.72 -13.40 15.36
N SER B 140 21.83 -14.58 14.77
CA SER B 140 20.66 -15.39 14.46
C SER B 140 20.88 -16.91 14.59
N PRO B 141 19.83 -17.66 15.02
CA PRO B 141 20.02 -19.11 15.14
C PRO B 141 20.23 -19.69 13.74
N ARG B 142 19.90 -18.90 12.72
CA ARG B 142 20.10 -19.32 11.33
C ARG B 142 21.55 -19.02 10.90
N LYS B 143 22.32 -20.09 10.73
CA LYS B 143 23.72 -19.97 10.33
C LYS B 143 23.94 -19.77 8.83
N THR B 144 24.72 -18.76 8.46
CA THR B 144 25.01 -18.54 7.06
C THR B 144 26.52 -18.68 6.94
N THR B 145 26.96 -19.26 5.82
CA THR B 145 28.39 -19.49 5.58
C THR B 145 29.00 -18.41 4.68
N ALA B 146 30.33 -18.42 4.59
CA ALA B 146 31.04 -17.48 3.74
C ALA B 146 30.58 -17.64 2.29
N ALA B 147 30.39 -18.90 1.88
CA ALA B 147 29.94 -19.23 0.51
C ALA B 147 28.57 -18.60 0.20
N ASP B 148 27.65 -18.66 1.16
CA ASP B 148 26.29 -18.09 1.04
C ASP B 148 26.36 -16.59 0.71
N LEU B 149 27.19 -15.88 1.47
CA LEU B 149 27.34 -14.44 1.28
C LEU B 149 28.17 -14.04 0.06
N LYS B 150 29.12 -14.88 -0.33
CA LYS B 150 29.93 -14.59 -1.51
C LYS B 150 29.01 -14.65 -2.74
N ALA B 151 28.06 -15.58 -2.74
CA ALA B 151 27.13 -15.70 -3.86
C ALA B 151 26.41 -14.38 -4.12
N VAL B 152 25.99 -13.72 -3.05
CA VAL B 152 25.31 -12.44 -3.16
C VAL B 152 26.29 -11.37 -3.67
N GLN B 153 27.51 -11.39 -3.14
CA GLN B 153 28.52 -10.43 -3.55
C GLN B 153 28.79 -10.54 -5.04
N ASP B 154 28.89 -11.76 -5.54
CA ASP B 154 29.18 -11.98 -6.95
C ASP B 154 28.06 -11.40 -7.84
N LYS B 155 26.82 -11.66 -7.47
CA LYS B 155 25.65 -11.17 -8.23
C LYS B 155 25.63 -9.63 -8.26
N LEU B 156 25.86 -9.03 -7.10
CA LEU B 156 25.87 -7.58 -6.95
C LEU B 156 26.98 -6.96 -7.79
N LYS B 157 28.16 -7.58 -7.75
CA LYS B 157 29.34 -7.12 -8.48
C LYS B 157 29.08 -7.02 -9.97
N THR B 158 28.54 -8.10 -10.55
CA THR B 158 28.23 -8.11 -11.98
C THR B 158 27.23 -6.99 -12.32
N PHE B 159 26.21 -6.85 -11.48
CA PHE B 159 25.19 -5.82 -11.70
C PHE B 159 25.82 -4.44 -11.74
N VAL B 160 26.66 -4.14 -10.75
CA VAL B 160 27.32 -2.83 -10.67
C VAL B 160 28.25 -2.57 -11.84
N GLU B 161 28.96 -3.61 -12.29
CA GLU B 161 29.89 -3.45 -13.40
C GLU B 161 29.22 -3.24 -14.75
N THR B 162 27.89 -3.36 -14.81
CA THR B 162 27.20 -3.16 -16.08
C THR B 162 27.11 -1.67 -16.35
N GLY B 163 27.16 -0.88 -15.28
CA GLY B 163 27.04 0.57 -15.40
C GLY B 163 25.57 1.00 -15.36
N GLN B 164 24.68 0.02 -15.29
CA GLN B 164 23.24 0.30 -15.23
C GLN B 164 22.80 0.00 -13.80
N LEU B 165 22.87 1.03 -12.95
CA LEU B 165 22.50 0.89 -11.53
C LEU B 165 20.99 0.82 -11.28
N GLY B 166 20.21 1.18 -12.29
CA GLY B 166 18.77 1.12 -12.19
C GLY B 166 18.19 1.81 -10.97
N PRO B 167 17.55 1.05 -10.06
CA PRO B 167 16.95 1.61 -8.84
C PRO B 167 17.94 2.35 -7.96
N PHE B 168 19.22 2.04 -8.08
CA PHE B 168 20.25 2.68 -7.26
C PHE B 168 20.91 3.88 -7.94
N THR B 169 20.43 4.24 -9.13
CA THR B 169 21.02 5.33 -9.91
C THR B 169 21.62 6.55 -9.20
N ASN B 170 20.84 7.53 -8.80
CA ASN B 170 21.48 8.68 -8.14
C ASN B 170 21.34 8.53 -6.63
N ALA B 171 21.58 7.32 -6.10
CA ALA B 171 21.42 7.06 -4.67
C ALA B 171 22.23 8.00 -3.76
N TYR B 172 21.63 8.47 -2.67
CA TYR B 172 22.29 9.37 -1.74
C TYR B 172 23.59 8.81 -1.16
N PHE B 173 23.73 7.49 -1.15
CA PHE B 173 24.95 6.85 -0.64
C PHE B 173 26.08 6.69 -1.66
N LEU B 174 25.84 6.98 -2.94
CA LEU B 174 26.89 6.80 -3.93
C LEU B 174 28.08 7.71 -3.67
N GLY B 175 29.26 7.10 -3.64
CA GLY B 175 30.49 7.84 -3.39
C GLY B 175 30.71 8.09 -1.92
N GLY B 176 29.90 7.43 -1.09
CA GLY B 176 29.98 7.59 0.34
C GLY B 176 29.14 8.79 0.75
N HIS B 177 28.71 8.83 2.01
CA HIS B 177 27.89 9.93 2.54
C HIS B 177 28.14 9.92 4.05
N PRO B 178 28.39 11.09 4.66
CA PRO B 178 28.65 11.20 6.10
C PRO B 178 27.61 10.60 7.06
N ALA B 179 26.35 10.57 6.64
CA ALA B 179 25.29 10.01 7.47
C ALA B 179 25.10 8.49 7.39
N TYR B 180 25.85 7.82 6.54
CA TYR B 180 25.74 6.37 6.43
C TYR B 180 26.87 5.75 7.28
N TYR B 181 26.50 4.98 8.32
CA TYR B 181 27.48 4.40 9.25
C TYR B 181 27.91 2.92 9.15
N LEU B 182 27.14 2.10 8.45
CA LEU B 182 27.44 0.68 8.38
C LEU B 182 28.80 0.25 7.83
N ASP B 183 29.38 -0.81 8.40
CA ASP B 183 30.64 -1.31 7.89
C ASP B 183 30.29 -2.21 6.69
N PRO B 184 31.27 -2.57 5.86
CA PRO B 184 31.03 -3.41 4.68
C PRO B 184 30.30 -4.73 4.97
N GLU B 185 30.72 -5.42 6.01
CA GLU B 185 30.12 -6.70 6.36
C GLU B 185 28.63 -6.61 6.65
N THR B 186 28.25 -5.64 7.49
CA THR B 186 26.85 -5.46 7.84
C THR B 186 26.02 -5.02 6.63
N ASN B 187 26.63 -4.22 5.74
CA ASN B 187 25.97 -3.77 4.52
C ASN B 187 25.67 -5.00 3.64
N LEU B 188 26.62 -5.94 3.58
CA LEU B 188 26.45 -7.17 2.80
C LEU B 188 25.34 -8.06 3.38
N ILE B 189 25.30 -8.18 4.70
CA ILE B 189 24.28 -8.98 5.38
C ILE B 189 22.89 -8.40 5.07
N ALA B 190 22.77 -7.07 5.20
CA ALA B 190 21.51 -6.37 4.94
C ALA B 190 21.07 -6.50 3.49
N THR B 191 22.02 -6.44 2.56
CA THR B 191 21.73 -6.55 1.13
C THR B 191 21.25 -7.97 0.76
N ALA B 192 21.91 -8.97 1.32
CA ALA B 192 21.55 -10.37 1.10
C ALA B 192 20.10 -10.57 1.57
N HIS B 193 19.78 -10.00 2.72
CA HIS B 193 18.44 -10.12 3.27
C HIS B 193 17.37 -9.33 2.50
N TYR B 194 17.75 -8.20 1.90
CA TYR B 194 16.87 -7.34 1.06
C TYR B 194 16.46 -8.15 -0.19
N LEU B 195 17.44 -8.81 -0.79
CA LEU B 195 17.22 -9.65 -1.97
C LEU B 195 16.38 -10.85 -1.60
N GLU B 196 16.69 -11.46 -0.45
CA GLU B 196 15.94 -12.60 0.04
C GLU B 196 14.48 -12.22 0.31
N ALA B 197 14.25 -11.02 0.84
CA ALA B 197 12.90 -10.55 1.16
C ALA B 197 12.05 -10.41 -0.10
N LEU B 198 12.66 -10.07 -1.23
CA LEU B 198 11.91 -9.90 -2.48
C LEU B 198 11.16 -11.19 -2.81
N ARG B 199 11.75 -12.33 -2.50
CA ARG B 199 11.09 -13.60 -2.78
C ARG B 199 10.21 -14.04 -1.63
N LEU B 200 10.64 -13.77 -0.40
CA LEU B 200 9.81 -14.17 0.72
C LEU B 200 8.46 -13.44 0.73
N GLN B 201 8.42 -12.18 0.28
CA GLN B 201 7.16 -11.45 0.27
C GLN B 201 6.11 -12.02 -0.67
N VAL B 202 6.54 -12.73 -1.71
CA VAL B 202 5.57 -13.33 -2.61
C VAL B 202 4.77 -14.38 -1.84
N LYS B 203 5.45 -15.07 -0.93
CA LYS B 203 4.81 -16.10 -0.11
C LYS B 203 3.92 -15.47 0.96
N ALA B 204 4.38 -14.36 1.53
CA ALA B 204 3.59 -13.65 2.55
C ALA B 204 2.30 -13.12 1.91
N ALA B 205 2.39 -12.65 0.66
CA ALA B 205 1.23 -12.14 -0.07
C ALA B 205 0.30 -13.29 -0.46
N ARG B 206 0.90 -14.40 -0.89
CA ARG B 206 0.14 -15.58 -1.28
C ARG B 206 -0.79 -16.02 -0.13
N ALA B 207 -0.31 -15.91 1.11
CA ALA B 207 -1.13 -16.29 2.26
C ALA B 207 -2.51 -15.61 2.25
N MET B 208 -2.58 -14.36 1.79
CA MET B 208 -3.85 -13.63 1.73
C MET B 208 -4.78 -14.16 0.65
N ALA B 209 -4.20 -14.57 -0.48
CA ALA B 209 -5.02 -15.09 -1.57
C ALA B 209 -5.60 -16.48 -1.31
N VAL B 210 -4.98 -17.24 -0.40
CA VAL B 210 -5.45 -18.60 -0.08
C VAL B 210 -6.93 -18.55 0.30
N PHE B 211 -7.28 -17.61 1.19
CA PHE B 211 -8.67 -17.41 1.59
C PHE B 211 -9.27 -16.20 0.84
N GLY B 212 -8.42 -15.23 0.48
CA GLY B 212 -8.89 -14.01 -0.15
C GLY B 212 -9.04 -13.82 -1.65
N ALA B 213 -8.85 -14.88 -2.43
CA ALA B 213 -8.98 -14.81 -3.89
C ALA B 213 -7.72 -14.38 -4.62
N LYS B 214 -7.17 -13.24 -4.23
CA LYS B 214 -5.97 -12.70 -4.86
C LYS B 214 -5.42 -11.48 -4.11
N ASN B 215 -4.20 -11.11 -4.45
CA ASN B 215 -3.53 -9.97 -3.86
C ASN B 215 -2.67 -9.45 -5.00
N PRO B 216 -2.74 -8.15 -5.32
CA PRO B 216 -3.55 -7.12 -4.68
C PRO B 216 -5.05 -7.14 -4.98
N HIS B 217 -5.80 -6.47 -4.10
CA HIS B 217 -7.24 -6.29 -4.18
C HIS B 217 -8.08 -7.54 -4.05
N THR B 218 -8.22 -7.92 -2.79
CA THR B 218 -8.95 -9.10 -2.37
C THR B 218 -10.44 -9.03 -2.79
N GLN B 219 -11.11 -10.19 -2.87
CA GLN B 219 -12.51 -10.22 -3.28
C GLN B 219 -13.19 -11.42 -2.61
N PHE B 220 -13.40 -11.34 -1.29
CA PHE B 220 -14.03 -12.42 -0.52
C PHE B 220 -14.96 -11.87 0.55
N THR B 221 -15.04 -10.55 0.67
CA THR B 221 -15.91 -9.95 1.69
C THR B 221 -17.25 -9.46 1.11
N VAL B 222 -18.32 -9.58 1.91
CA VAL B 222 -19.65 -9.11 1.52
C VAL B 222 -20.32 -8.63 2.80
N VAL B 223 -21.35 -7.79 2.67
CA VAL B 223 -22.09 -7.36 3.86
C VAL B 223 -22.66 -8.66 4.45
N GLY B 224 -22.40 -8.90 5.73
CA GLY B 224 -22.90 -10.12 6.36
C GLY B 224 -21.88 -11.22 6.61
N GLY B 225 -20.70 -11.13 6.04
CA GLY B 225 -19.69 -12.15 6.29
C GLY B 225 -18.66 -12.26 5.18
N VAL B 226 -18.40 -13.48 4.75
CA VAL B 226 -17.44 -13.76 3.68
C VAL B 226 -18.04 -14.76 2.70
N THR B 227 -17.42 -14.89 1.53
CA THR B 227 -17.93 -15.77 0.48
C THR B 227 -17.12 -17.04 0.25
N CYS B 228 -15.95 -17.12 0.85
CA CYS B 228 -15.04 -18.24 0.64
C CYS B 228 -15.28 -19.56 1.38
N TYR B 229 -16.23 -20.34 0.90
CA TYR B 229 -16.50 -21.61 1.52
C TYR B 229 -15.25 -22.53 1.51
N ASP B 230 -14.39 -22.36 0.52
CA ASP B 230 -13.19 -23.18 0.39
C ASP B 230 -12.22 -22.98 1.57
N ALA B 231 -12.36 -21.88 2.29
CA ALA B 231 -11.49 -21.56 3.42
C ALA B 231 -11.70 -22.50 4.61
N LEU B 232 -12.79 -23.27 4.56
CA LEU B 232 -13.12 -24.20 5.62
C LEU B 232 -12.40 -25.55 5.50
N THR B 233 -11.88 -25.84 4.32
CA THR B 233 -11.22 -27.13 4.08
C THR B 233 -9.85 -27.30 4.70
N PRO B 234 -9.53 -28.52 5.18
CA PRO B 234 -8.22 -28.76 5.79
C PRO B 234 -7.06 -28.44 4.83
N GLN B 235 -7.29 -28.64 3.54
CA GLN B 235 -6.27 -28.38 2.53
C GLN B 235 -5.93 -26.88 2.49
N ARG B 236 -6.95 -26.03 2.47
CA ARG B 236 -6.68 -24.59 2.41
C ARG B 236 -6.07 -24.06 3.70
N ILE B 237 -6.54 -24.58 4.82
CA ILE B 237 -6.01 -24.18 6.12
C ILE B 237 -4.54 -24.61 6.23
N ALA B 238 -4.21 -25.79 5.70
CA ALA B 238 -2.84 -26.28 5.74
C ALA B 238 -1.94 -25.43 4.84
N GLU B 239 -2.45 -25.04 3.68
CA GLU B 239 -1.71 -24.22 2.73
C GLU B 239 -1.38 -22.89 3.41
N PHE B 240 -2.39 -22.28 4.02
CA PHE B 240 -2.21 -21.01 4.74
C PHE B 240 -1.17 -21.16 5.84
N GLU B 241 -1.36 -22.16 6.70
CA GLU B 241 -0.46 -22.42 7.84
C GLU B 241 1.00 -22.56 7.42
N ALA B 242 1.26 -23.25 6.32
CA ALA B 242 2.63 -23.44 5.84
C ALA B 242 3.28 -22.12 5.43
N LEU B 243 2.52 -21.27 4.73
CA LEU B 243 3.00 -19.96 4.29
C LEU B 243 3.27 -19.10 5.54
N TRP B 244 2.35 -19.17 6.49
CA TRP B 244 2.47 -18.43 7.74
C TRP B 244 3.74 -18.83 8.50
N LYS B 245 3.93 -20.13 8.72
CA LYS B 245 5.11 -20.61 9.44
C LYS B 245 6.41 -20.09 8.80
N GLU B 246 6.50 -20.18 7.48
CA GLU B 246 7.70 -19.69 6.80
C GLU B 246 7.89 -18.17 6.96
N THR B 247 6.80 -17.43 6.81
CA THR B 247 6.84 -15.97 6.96
C THR B 247 7.27 -15.60 8.38
N LYS B 248 6.72 -16.29 9.38
CA LYS B 248 7.06 -16.04 10.79
C LYS B 248 8.54 -16.36 11.05
N ALA B 249 9.06 -17.41 10.41
CA ALA B 249 10.47 -17.76 10.61
C ALA B 249 11.34 -16.63 10.06
N PHE B 250 10.93 -16.03 8.95
CA PHE B 250 11.69 -14.94 8.36
C PHE B 250 11.68 -13.73 9.28
N VAL B 251 10.52 -13.45 9.88
CA VAL B 251 10.38 -12.34 10.82
C VAL B 251 11.32 -12.54 12.00
N ASP B 252 11.24 -13.73 12.60
CA ASP B 252 12.04 -14.09 13.78
C ASP B 252 13.54 -14.24 13.61
N GLU B 253 13.97 -14.86 12.52
CA GLU B 253 15.39 -15.11 12.27
C GLU B 253 16.12 -14.14 11.35
N VAL B 254 15.39 -13.37 10.55
CA VAL B 254 16.01 -12.42 9.63
C VAL B 254 15.64 -10.94 9.89
N TYR B 255 14.36 -10.59 9.81
CA TYR B 255 13.90 -9.20 10.01
C TYR B 255 14.27 -8.61 11.37
N ILE B 256 13.85 -9.23 12.45
CA ILE B 256 14.17 -8.70 13.78
C ILE B 256 15.67 -8.60 14.07
N PRO B 257 16.45 -9.67 13.80
CA PRO B 257 17.90 -9.52 14.08
C PRO B 257 18.53 -8.39 13.30
N ASP B 258 18.10 -8.17 12.05
CA ASP B 258 18.64 -7.09 11.21
C ASP B 258 18.25 -5.72 11.76
N LEU B 259 16.99 -5.61 12.21
CA LEU B 259 16.45 -4.36 12.77
C LEU B 259 17.34 -3.92 13.95
N LEU B 260 17.62 -4.88 14.83
CA LEU B 260 18.45 -4.64 16.01
C LEU B 260 19.92 -4.32 15.68
N VAL B 261 20.48 -4.96 14.67
CA VAL B 261 21.87 -4.65 14.31
C VAL B 261 21.93 -3.22 13.75
N VAL B 262 20.96 -2.85 12.92
CA VAL B 262 20.92 -1.50 12.33
C VAL B 262 20.65 -0.42 13.37
N ALA B 263 19.71 -0.69 14.27
CA ALA B 263 19.37 0.25 15.32
C ALA B 263 20.56 0.49 16.28
N ALA B 264 21.32 -0.57 16.55
CA ALA B 264 22.47 -0.44 17.44
C ALA B 264 23.53 0.45 16.79
N ALA B 265 23.67 0.32 15.48
CA ALA B 265 24.64 1.13 14.76
C ALA B 265 24.19 2.59 14.58
N TYR B 266 22.88 2.82 14.62
CA TYR B 266 22.31 4.16 14.45
C TYR B 266 21.65 4.68 15.72
N LYS B 267 22.23 4.33 16.86
CA LYS B 267 21.73 4.72 18.17
C LYS B 267 21.44 6.22 18.32
N ASP B 268 22.14 7.07 17.55
CA ASP B 268 21.93 8.52 17.62
C ASP B 268 20.55 8.95 17.11
N TRP B 269 19.88 8.08 16.35
CA TRP B 269 18.56 8.40 15.84
C TRP B 269 17.43 8.29 16.86
N THR B 270 17.81 8.12 18.13
CA THR B 270 16.87 8.07 19.25
C THR B 270 16.60 9.54 19.63
N GLN B 271 17.38 10.45 19.06
CA GLN B 271 17.28 11.87 19.39
C GLN B 271 16.45 12.77 18.45
N TYR B 272 15.90 12.18 17.38
CA TYR B 272 15.12 12.97 16.43
C TYR B 272 13.81 12.26 16.09
N GLY B 273 12.86 13.02 15.55
CA GLY B 273 11.59 12.47 15.12
C GLY B 273 10.52 12.11 16.13
N GLY B 274 10.57 12.70 17.32
CA GLY B 274 9.58 12.39 18.34
C GLY B 274 8.31 13.19 18.14
N THR B 275 7.22 12.71 18.73
CA THR B 275 5.91 13.34 18.66
C THR B 275 5.25 13.32 20.06
N ASP B 276 4.18 14.10 20.19
CA ASP B 276 3.48 14.21 21.47
C ASP B 276 2.23 13.39 21.73
N ASN B 277 1.29 13.37 20.77
CA ASN B 277 0.00 12.67 20.96
C ASN B 277 -0.16 11.42 20.10
N PHE B 278 -0.90 10.45 20.61
CA PHE B 278 -1.12 9.18 19.91
C PHE B 278 -2.57 8.72 19.94
N ILE B 279 -3.02 8.10 18.85
CA ILE B 279 -4.39 7.55 18.76
C ILE B 279 -4.31 6.20 18.07
N THR B 280 -5.13 5.26 18.52
CA THR B 280 -5.13 3.92 17.94
C THR B 280 -6.54 3.35 18.12
N PHE B 281 -7.01 2.55 17.16
CA PHE B 281 -8.38 2.01 17.20
C PHE B 281 -8.57 0.58 17.71
N GLY B 282 -7.48 -0.17 17.87
CA GLY B 282 -7.57 -1.55 18.31
C GLY B 282 -7.79 -2.47 17.14
N GLU B 283 -7.40 -3.75 17.24
CA GLU B 283 -7.61 -4.67 16.11
C GLU B 283 -7.66 -6.14 16.55
N PHE B 284 -8.31 -6.96 15.73
CA PHE B 284 -8.51 -8.40 15.91
C PHE B 284 -9.60 -8.67 16.94
N PRO B 285 -10.85 -8.36 16.58
CA PRO B 285 -12.01 -8.54 17.46
C PRO B 285 -12.56 -9.95 17.67
N LYS B 286 -13.23 -10.08 18.82
CA LYS B 286 -13.96 -11.27 19.20
C LYS B 286 -15.42 -10.85 18.96
N ASP B 287 -15.70 -9.55 19.15
CA ASP B 287 -17.02 -8.99 18.98
C ASP B 287 -16.92 -7.80 18.01
N GLU B 288 -17.57 -7.89 16.86
CA GLU B 288 -17.54 -6.82 15.86
C GLU B 288 -18.11 -5.46 16.33
N TYR B 289 -18.89 -5.47 17.40
CA TYR B 289 -19.49 -4.24 17.91
C TYR B 289 -18.82 -3.72 19.19
N ASP B 290 -17.71 -4.36 19.59
CA ASP B 290 -17.00 -3.95 20.82
C ASP B 290 -15.50 -3.81 20.57
N LEU B 291 -15.02 -2.58 20.47
CA LEU B 291 -13.59 -2.33 20.22
C LEU B 291 -12.69 -2.90 21.33
N ASN B 292 -13.19 -2.97 22.55
CA ASN B 292 -12.39 -3.48 23.65
C ASN B 292 -12.28 -5.01 23.69
N SER B 293 -12.90 -5.68 22.71
CA SER B 293 -12.85 -7.13 22.60
C SER B 293 -11.70 -7.52 21.68
N ARG B 294 -10.98 -6.52 21.18
CA ARG B 294 -9.86 -6.72 20.25
C ARG B 294 -8.53 -7.08 20.96
N PHE B 295 -7.70 -7.88 20.29
CA PHE B 295 -6.39 -8.32 20.82
C PHE B 295 -5.57 -7.10 21.24
N PHE B 296 -5.64 -6.06 20.40
CA PHE B 296 -5.01 -4.78 20.67
C PHE B 296 -6.20 -3.87 20.95
N LYS B 297 -6.17 -3.11 22.03
CA LYS B 297 -7.28 -2.24 22.40
C LYS B 297 -7.12 -0.77 21.99
N PRO B 298 -8.24 -0.06 21.73
CA PRO B 298 -8.20 1.36 21.32
C PRO B 298 -7.74 2.27 22.47
N GLY B 299 -7.37 3.50 22.14
CA GLY B 299 -6.96 4.44 23.18
C GLY B 299 -6.32 5.71 22.65
N VAL B 300 -6.38 6.78 23.45
CA VAL B 300 -5.73 8.04 23.06
C VAL B 300 -4.85 8.55 24.20
N VAL B 301 -3.72 9.12 23.81
CA VAL B 301 -2.75 9.64 24.78
C VAL B 301 -2.29 11.02 24.32
N PHE B 302 -2.28 11.95 25.27
CA PHE B 302 -1.86 13.31 25.01
C PHE B 302 -0.54 13.58 25.72
N LYS B 303 0.36 14.28 25.04
CA LYS B 303 1.65 14.66 25.63
C LYS B 303 2.40 13.49 26.30
N ARG B 304 2.40 12.34 25.65
CA ARG B 304 3.08 11.14 26.14
C ARG B 304 2.67 10.67 27.55
N ASP B 305 1.55 11.16 28.06
CA ASP B 305 1.11 10.75 29.40
C ASP B 305 0.49 9.35 29.34
N PHE B 306 1.35 8.35 29.26
CA PHE B 306 0.91 6.95 29.17
C PHE B 306 0.30 6.32 30.42
N LYS B 307 0.38 7.03 31.54
CA LYS B 307 -0.21 6.55 32.77
C LYS B 307 -1.68 6.94 32.77
N ASN B 308 -2.06 7.82 31.85
CA ASN B 308 -3.45 8.26 31.76
C ASN B 308 -4.04 8.08 30.38
N ILE B 309 -4.16 6.83 29.93
CA ILE B 309 -4.73 6.54 28.62
C ILE B 309 -6.23 6.88 28.67
N LYS B 310 -6.67 7.72 27.75
CA LYS B 310 -8.06 8.13 27.68
C LYS B 310 -8.84 7.29 26.68
N PRO B 311 -10.15 7.15 26.92
CA PRO B 311 -10.98 6.36 26.01
C PRO B 311 -11.14 7.05 24.65
N PHE B 312 -11.39 6.26 23.62
CA PHE B 312 -11.58 6.80 22.28
C PHE B 312 -13.05 7.15 22.09
N ASP B 313 -13.33 8.44 21.82
CA ASP B 313 -14.71 8.91 21.58
C ASP B 313 -14.75 9.31 20.11
N LYS B 314 -15.47 8.54 19.30
CA LYS B 314 -15.57 8.79 17.86
C LYS B 314 -16.16 10.13 17.43
N MET B 315 -16.91 10.77 18.32
CA MET B 315 -17.54 12.05 18.02
C MET B 315 -16.57 13.21 18.18
N GLN B 316 -15.38 12.91 18.69
CA GLN B 316 -14.37 13.95 18.90
C GLN B 316 -13.46 14.17 17.69
N ILE B 317 -13.76 13.57 16.56
CA ILE B 317 -12.94 13.77 15.38
C ILE B 317 -13.56 14.80 14.43
N GLU B 318 -12.74 15.73 13.99
CA GLU B 318 -13.15 16.76 13.04
C GLU B 318 -12.05 16.94 12.01
N GLU B 319 -12.42 17.07 10.73
CA GLU B 319 -11.44 17.28 9.68
C GLU B 319 -11.46 18.72 9.19
N HIS B 320 -10.31 19.38 9.30
CA HIS B 320 -10.17 20.78 8.87
C HIS B 320 -9.81 20.94 7.40
N VAL B 321 -10.15 22.12 6.84
CA VAL B 321 -9.84 22.46 5.45
C VAL B 321 -9.17 23.85 5.26
N ARG B 322 -8.98 24.60 6.34
CA ARG B 322 -8.36 25.93 6.24
C ARG B 322 -7.06 26.03 5.43
N HIS B 323 -6.17 25.05 5.60
CA HIS B 323 -4.89 25.02 4.89
C HIS B 323 -4.87 23.95 3.80
N SER B 324 -6.06 23.51 3.39
CA SER B 324 -6.23 22.49 2.36
C SER B 324 -6.96 23.13 1.15
N TRP B 325 -6.86 22.49 0.00
CA TRP B 325 -7.51 22.99 -1.21
C TRP B 325 -9.00 22.65 -1.36
N TYR B 326 -9.79 23.09 -0.38
CA TYR B 326 -11.23 22.86 -0.37
C TYR B 326 -11.89 24.20 -0.05
N GLU B 327 -13.18 24.34 -0.34
CA GLU B 327 -13.84 25.61 -0.07
C GLU B 327 -14.05 25.95 1.41
N GLY B 328 -13.76 27.20 1.76
CA GLY B 328 -13.97 27.67 3.11
C GLY B 328 -12.93 27.27 4.14
N ALA B 329 -13.33 27.25 5.39
CA ALA B 329 -12.44 26.94 6.50
C ALA B 329 -13.14 26.16 7.62
N GLU B 330 -14.34 25.68 7.36
CA GLU B 330 -15.09 24.97 8.38
C GLU B 330 -14.73 23.48 8.54
N ALA B 331 -14.28 23.13 9.74
CA ALA B 331 -13.94 21.74 10.05
C ALA B 331 -15.27 20.98 10.24
N ARG B 332 -15.29 19.71 9.87
CA ARG B 332 -16.50 18.90 9.97
C ARG B 332 -16.28 17.47 10.50
N HIS B 333 -17.23 16.98 11.30
CA HIS B 333 -17.18 15.60 11.78
C HIS B 333 -17.58 14.82 10.52
N PRO B 334 -17.00 13.62 10.29
CA PRO B 334 -17.27 12.76 9.12
C PRO B 334 -18.74 12.47 8.73
N TRP B 335 -19.64 12.41 9.70
CA TRP B 335 -21.05 12.18 9.39
C TRP B 335 -21.70 13.45 8.82
N LYS B 336 -20.95 14.56 8.81
CA LYS B 336 -21.40 15.85 8.27
C LYS B 336 -20.26 16.37 7.41
N GLY B 337 -19.53 15.44 6.81
CA GLY B 337 -18.39 15.82 5.99
C GLY B 337 -18.72 16.47 4.67
N GLN B 338 -17.73 17.21 4.16
CA GLN B 338 -17.84 17.91 2.87
C GLN B 338 -16.54 17.74 2.08
N THR B 339 -16.66 17.50 0.78
CA THR B 339 -15.49 17.36 -0.08
C THR B 339 -15.75 18.23 -1.30
N GLN B 340 -15.43 19.52 -1.15
CA GLN B 340 -15.67 20.54 -2.17
C GLN B 340 -14.33 21.14 -2.59
N PRO B 341 -13.68 20.55 -3.61
CA PRO B 341 -12.40 21.08 -4.05
C PRO B 341 -12.36 22.51 -4.58
N LYS B 342 -11.25 23.19 -4.30
CA LYS B 342 -10.99 24.57 -4.73
C LYS B 342 -9.49 24.80 -4.58
N TYR B 343 -8.78 24.67 -5.70
CA TYR B 343 -7.34 24.81 -5.74
C TYR B 343 -6.92 26.26 -5.77
N THR B 344 -5.88 26.57 -4.99
CA THR B 344 -5.37 27.92 -4.92
C THR B 344 -3.87 27.95 -5.17
N ASP B 345 -3.32 26.79 -5.52
CA ASP B 345 -1.88 26.64 -5.78
C ASP B 345 -1.09 26.62 -4.47
N LEU B 346 0.16 26.22 -4.56
CA LEU B 346 1.05 26.11 -3.41
C LEU B 346 1.09 27.37 -2.56
N HIS B 347 0.50 27.28 -1.36
CA HIS B 347 0.45 28.38 -0.40
C HIS B 347 -0.51 29.50 -0.79
N GLY B 348 -1.35 29.25 -1.80
CA GLY B 348 -2.31 30.26 -2.21
C GLY B 348 -3.34 30.38 -1.11
N ASP B 349 -3.47 31.56 -0.52
CA ASP B 349 -4.39 31.78 0.57
C ASP B 349 -4.05 30.84 1.73
N ASP B 350 -2.76 30.58 1.91
CA ASP B 350 -2.24 29.75 3.00
C ASP B 350 -2.69 28.27 2.95
N ARG B 351 -2.94 27.78 1.75
CA ARG B 351 -3.38 26.39 1.55
C ARG B 351 -2.29 25.65 0.77
N TYR B 352 -1.95 24.42 1.19
CA TYR B 352 -0.86 23.71 0.51
C TYR B 352 -0.96 22.19 0.37
N SER B 353 -2.16 21.63 0.48
CA SER B 353 -2.31 20.18 0.37
C SER B 353 -3.72 19.75 0.01
N TRP B 354 -3.83 18.56 -0.60
CA TRP B 354 -5.14 18.00 -0.94
C TRP B 354 -5.64 17.16 0.23
N MET B 355 -4.79 16.98 1.24
CA MET B 355 -5.21 16.23 2.43
C MET B 355 -5.98 17.16 3.38
N LYS B 356 -7.04 16.63 4.00
CA LYS B 356 -7.77 17.38 5.03
C LYS B 356 -6.91 17.20 6.31
N ALA B 357 -7.18 17.98 7.35
CA ALA B 357 -6.41 17.86 8.61
C ALA B 357 -7.25 17.39 9.79
N PRO B 358 -7.24 16.08 10.09
CA PRO B 358 -8.01 15.52 11.21
C PRO B 358 -7.40 15.93 12.55
N ARG B 359 -8.26 16.31 13.49
CA ARG B 359 -7.83 16.69 14.83
C ARG B 359 -8.76 15.97 15.77
N TYR B 360 -8.24 15.43 16.87
CA TYR B 360 -9.07 14.70 17.81
C TYR B 360 -9.80 15.72 18.70
N MET B 361 -9.31 16.05 19.88
CA MET B 361 -10.05 17.07 20.63
C MET B 361 -9.32 18.37 20.28
N GLY B 362 -9.25 18.64 18.97
CA GLY B 362 -8.55 19.79 18.42
C GLY B 362 -7.04 19.58 18.32
N GLU B 363 -6.57 18.38 18.68
CA GLU B 363 -5.14 18.04 18.67
C GLU B 363 -4.66 17.16 17.52
N PRO B 364 -3.42 17.36 17.05
CA PRO B 364 -2.86 16.55 15.96
C PRO B 364 -2.37 15.23 16.59
N MET B 365 -2.71 14.09 16.01
CA MET B 365 -2.34 12.79 16.61
C MET B 365 -1.53 11.87 15.71
N GLU B 366 -0.50 11.23 16.26
CA GLU B 366 0.25 10.27 15.46
C GLU B 366 -0.50 8.94 15.61
N THR B 367 -0.58 8.19 14.52
CA THR B 367 -1.21 6.87 14.55
C THR B 367 -0.27 5.87 13.82
N GLY B 368 -0.47 4.57 14.01
CA GLY B 368 0.42 3.59 13.39
C GLY B 368 1.09 2.66 14.40
N PRO B 369 2.14 1.92 14.00
CA PRO B 369 2.86 0.99 14.89
C PRO B 369 3.31 1.53 16.25
N LEU B 370 3.91 2.71 16.28
CA LEU B 370 4.36 3.27 17.57
C LEU B 370 3.19 3.50 18.51
N ALA B 371 2.08 3.99 17.97
CA ALA B 371 0.92 4.24 18.82
C ALA B 371 0.27 2.95 19.32
N GLN B 372 0.17 1.96 18.44
CA GLN B 372 -0.44 0.69 18.83
C GLN B 372 0.39 0.00 19.90
N VAL B 373 1.70 -0.05 19.69
CA VAL B 373 2.64 -0.70 20.62
C VAL B 373 2.71 0.02 21.97
N LEU B 374 2.94 1.32 21.97
CA LEU B 374 3.03 2.04 23.23
C LEU B 374 1.75 1.95 24.03
N ILE B 375 0.61 2.12 23.36
CA ILE B 375 -0.68 2.04 24.05
C ILE B 375 -0.96 0.63 24.60
N ALA B 376 -0.73 -0.41 23.80
CA ALA B 376 -0.93 -1.77 24.31
C ALA B 376 0.03 -2.09 25.47
N TYR B 377 1.28 -1.64 25.37
CA TYR B 377 2.26 -1.88 26.44
C TYR B 377 1.74 -1.27 27.73
N SER B 378 1.25 -0.02 27.62
CA SER B 378 0.72 0.71 28.76
C SER B 378 -0.54 0.10 29.34
N GLN B 379 -1.28 -0.62 28.51
CA GLN B 379 -2.49 -1.30 28.93
C GLN B 379 -2.14 -2.66 29.55
N GLY B 380 -0.85 -2.98 29.63
CA GLY B 380 -0.41 -4.24 30.19
C GLY B 380 -0.43 -5.47 29.29
N HIS B 381 -0.42 -5.27 27.98
CA HIS B 381 -0.43 -6.39 27.06
C HIS B 381 0.83 -7.25 27.29
N PRO B 382 0.65 -8.52 27.72
CA PRO B 382 1.74 -9.46 28.00
C PRO B 382 2.75 -9.68 26.88
N LYS B 383 2.23 -10.02 25.70
CA LYS B 383 3.10 -10.30 24.56
C LYS B 383 3.85 -9.07 24.07
N VAL B 384 3.17 -7.91 24.01
CA VAL B 384 3.82 -6.68 23.56
C VAL B 384 4.90 -6.30 24.56
N LYS B 385 4.59 -6.39 25.85
CA LYS B 385 5.56 -6.07 26.90
C LYS B 385 6.82 -6.95 26.84
N ALA B 386 6.62 -8.27 26.70
CA ALA B 386 7.71 -9.22 26.62
C ALA B 386 8.69 -8.91 25.49
N VAL B 387 8.16 -8.76 24.28
CA VAL B 387 9.03 -8.46 23.15
C VAL B 387 9.65 -7.07 23.22
N THR B 388 8.91 -6.05 23.66
CA THR B 388 9.52 -4.72 23.71
C THR B 388 10.67 -4.68 24.72
N ASP B 389 10.46 -5.28 25.90
CA ASP B 389 11.50 -5.33 26.93
C ASP B 389 12.74 -6.04 26.41
N ALA B 390 12.54 -7.12 25.66
CA ALA B 390 13.69 -7.85 25.11
C ALA B 390 14.44 -6.96 24.13
N VAL B 391 13.70 -6.23 23.29
CA VAL B 391 14.34 -5.33 22.32
C VAL B 391 15.11 -4.21 23.03
N LEU B 392 14.53 -3.63 24.08
CA LEU B 392 15.17 -2.55 24.82
C LEU B 392 16.43 -3.07 25.55
N ALA B 393 16.37 -4.29 26.06
CA ALA B 393 17.51 -4.89 26.76
C ALA B 393 18.61 -5.20 25.77
N LYS B 394 18.23 -5.67 24.59
CA LYS B 394 19.20 -6.00 23.56
C LYS B 394 19.96 -4.74 23.16
N LEU B 395 19.23 -3.65 22.99
CA LEU B 395 19.83 -2.37 22.58
C LEU B 395 20.50 -1.61 23.71
N GLY B 396 20.22 -2.01 24.95
CA GLY B 396 20.79 -1.33 26.09
C GLY B 396 20.35 0.12 26.18
N VAL B 397 19.04 0.35 25.99
CA VAL B 397 18.49 1.71 26.05
C VAL B 397 17.24 1.80 26.93
N GLY B 398 16.92 3.02 27.33
CA GLY B 398 15.74 3.22 28.16
C GLY B 398 14.49 3.43 27.32
N PRO B 399 13.30 3.29 27.93
CA PRO B 399 12.00 3.45 27.26
C PRO B 399 11.81 4.81 26.57
N GLU B 400 12.53 5.82 27.04
CA GLU B 400 12.44 7.15 26.45
C GLU B 400 12.91 7.09 24.99
N ALA B 401 13.73 6.09 24.69
CA ALA B 401 14.28 5.93 23.34
C ALA B 401 13.20 5.71 22.29
N LEU B 402 12.05 5.20 22.73
CA LEU B 402 10.93 4.94 21.82
C LEU B 402 10.29 6.16 21.13
N PHE B 403 10.34 7.33 21.77
CA PHE B 403 9.77 8.54 21.18
C PHE B 403 10.72 9.15 20.17
N SER B 404 10.91 8.44 19.05
CA SER B 404 11.85 8.91 18.05
C SER B 404 11.70 8.12 16.76
N THR B 405 12.42 8.57 15.73
CA THR B 405 12.42 7.89 14.44
C THR B 405 12.95 6.44 14.63
N LEU B 406 13.99 6.26 15.43
CA LEU B 406 14.51 4.91 15.68
C LEU B 406 13.45 4.10 16.43
N GLY B 407 12.80 4.72 17.41
CA GLY B 407 11.78 4.02 18.17
C GLY B 407 10.59 3.57 17.33
N ARG B 408 10.17 4.42 16.40
CA ARG B 408 9.04 4.15 15.51
C ARG B 408 9.39 2.98 14.59
N THR B 409 10.64 2.95 14.11
CA THR B 409 11.11 1.88 13.24
C THR B 409 11.16 0.54 14.04
N ALA B 410 11.61 0.62 15.28
CA ALA B 410 11.68 -0.56 16.17
C ALA B 410 10.29 -1.09 16.51
N ALA B 411 9.35 -0.18 16.77
CA ALA B 411 7.98 -0.55 17.11
C ALA B 411 7.31 -1.27 15.94
N ARG B 412 7.62 -0.88 14.72
CA ARG B 412 7.06 -1.57 13.54
C ARG B 412 7.53 -3.03 13.60
N GLY B 413 8.78 -3.22 13.98
CA GLY B 413 9.32 -4.56 14.12
C GLY B 413 8.66 -5.34 15.24
N ILE B 414 8.55 -4.74 16.41
CA ILE B 414 7.91 -5.38 17.56
C ILE B 414 6.49 -5.86 17.20
N GLU B 415 5.72 -4.98 16.56
CA GLU B 415 4.36 -5.27 16.14
C GLU B 415 4.30 -6.47 15.20
N THR B 416 5.24 -6.54 14.27
CA THR B 416 5.30 -7.66 13.32
C THR B 416 5.55 -8.97 14.07
N ALA B 417 6.46 -8.95 15.04
CA ALA B 417 6.77 -10.15 15.81
C ALA B 417 5.58 -10.64 16.64
N VAL B 418 4.91 -9.73 17.33
CA VAL B 418 3.76 -10.12 18.15
C VAL B 418 2.60 -10.63 17.27
N ILE B 419 2.32 -9.94 16.16
CA ILE B 419 1.22 -10.35 15.28
C ILE B 419 1.51 -11.70 14.62
N ALA B 420 2.76 -11.92 14.23
CA ALA B 420 3.15 -13.18 13.61
C ALA B 420 2.82 -14.34 14.55
N GLU B 421 3.10 -14.16 15.84
CA GLU B 421 2.82 -15.21 16.80
C GLU B 421 1.31 -15.35 17.00
N TYR B 422 0.63 -14.21 17.03
CA TYR B 422 -0.82 -14.22 17.24
C TYR B 422 -1.63 -14.88 16.12
N VAL B 423 -1.16 -14.78 14.88
CA VAL B 423 -1.85 -15.44 13.78
C VAL B 423 -1.96 -16.94 14.08
N GLY B 424 -0.92 -17.50 14.73
CA GLY B 424 -0.92 -18.91 15.09
C GLY B 424 -2.01 -19.25 16.09
N VAL B 425 -2.23 -18.35 17.03
CA VAL B 425 -3.28 -18.54 18.02
C VAL B 425 -4.66 -18.42 17.35
N MET B 426 -4.85 -17.39 16.52
CA MET B 426 -6.12 -17.19 15.82
C MET B 426 -6.43 -18.43 14.96
N LEU B 427 -5.41 -18.96 14.31
CA LEU B 427 -5.54 -20.15 13.47
C LEU B 427 -6.06 -21.35 14.29
N GLN B 428 -5.46 -21.57 15.46
CA GLN B 428 -5.89 -22.69 16.29
C GLN B 428 -7.35 -22.51 16.68
N GLU B 429 -7.72 -21.28 17.06
CA GLU B 429 -9.09 -20.97 17.45
C GLU B 429 -10.05 -21.23 16.31
N TYR B 430 -9.63 -20.86 15.11
CA TYR B 430 -10.43 -21.08 13.92
C TYR B 430 -10.60 -22.61 13.75
N LYS B 431 -9.50 -23.35 13.83
CA LYS B 431 -9.52 -24.81 13.71
C LYS B 431 -10.46 -25.46 14.72
N ASP B 432 -10.39 -24.99 15.97
CA ASP B 432 -11.22 -25.53 17.05
C ASP B 432 -12.72 -25.27 16.82
N ASN B 433 -13.05 -24.10 16.27
CA ASN B 433 -14.44 -23.75 16.01
C ASN B 433 -15.00 -24.64 14.91
N ILE B 434 -14.20 -24.91 13.89
CA ILE B 434 -14.63 -25.78 12.81
C ILE B 434 -14.85 -27.18 13.37
N ALA B 435 -13.96 -27.60 14.28
CA ALA B 435 -14.05 -28.92 14.92
C ALA B 435 -15.37 -29.12 15.69
N LYS B 436 -15.92 -28.04 16.24
CA LYS B 436 -17.17 -28.14 16.99
C LYS B 436 -18.35 -28.37 16.04
N GLY B 437 -18.16 -28.11 14.76
CA GLY B 437 -19.23 -28.27 13.81
C GLY B 437 -19.82 -26.96 13.30
N ASP B 438 -19.13 -25.85 13.52
CA ASP B 438 -19.62 -24.57 13.04
C ASP B 438 -19.05 -24.33 11.65
N ASN B 439 -19.92 -24.40 10.64
CA ASN B 439 -19.48 -24.19 9.27
C ASN B 439 -20.16 -23.01 8.58
N VAL B 440 -20.64 -22.05 9.34
CA VAL B 440 -21.32 -20.89 8.76
C VAL B 440 -20.36 -19.71 8.56
N ILE B 441 -20.46 -19.05 7.40
CA ILE B 441 -19.58 -17.92 7.08
C ILE B 441 -20.26 -16.61 6.61
N CYS B 442 -21.58 -16.62 6.43
CA CYS B 442 -22.30 -15.40 6.02
C CYS B 442 -23.69 -15.39 6.60
N ALA B 443 -24.15 -14.22 7.03
CA ALA B 443 -25.46 -14.04 7.63
C ALA B 443 -26.37 -13.14 6.79
N PRO B 444 -27.69 -13.40 6.82
CA PRO B 444 -28.66 -12.60 6.07
C PRO B 444 -28.87 -11.20 6.64
N TRP B 445 -29.24 -10.25 5.79
CA TRP B 445 -29.48 -8.87 6.23
C TRP B 445 -30.46 -8.14 5.32
N GLU B 446 -30.81 -6.91 5.70
CA GLU B 446 -31.76 -6.10 4.94
C GLU B 446 -31.34 -4.63 4.92
N MET B 447 -31.44 -3.98 3.76
CA MET B 447 -31.05 -2.58 3.61
C MET B 447 -32.06 -1.57 4.14
N PRO B 448 -31.68 -0.79 5.17
CA PRO B 448 -32.63 0.19 5.69
C PRO B 448 -32.71 1.38 4.71
N LYS B 449 -33.77 2.17 4.80
CA LYS B 449 -33.93 3.30 3.90
C LYS B 449 -33.10 4.50 4.37
N GLN B 450 -33.02 4.70 5.68
CA GLN B 450 -32.27 5.81 6.26
C GLN B 450 -31.48 5.25 7.45
N ALA B 451 -30.18 5.55 7.50
CA ALA B 451 -29.33 5.05 8.57
C ALA B 451 -27.95 5.70 8.57
N GLU B 452 -27.18 5.40 9.61
CA GLU B 452 -25.81 5.90 9.74
C GLU B 452 -24.97 4.73 10.26
N GLY B 453 -23.71 4.66 9.86
CA GLY B 453 -22.86 3.57 10.31
C GLY B 453 -21.41 3.97 10.20
N VAL B 454 -20.53 3.21 10.85
CA VAL B 454 -19.09 3.47 10.83
C VAL B 454 -18.30 2.15 11.02
N GLY B 455 -17.16 2.06 10.34
CA GLY B 455 -16.31 0.88 10.43
C GLY B 455 -14.92 1.33 10.87
N PHE B 456 -14.30 0.57 11.77
CA PHE B 456 -12.98 0.88 12.31
C PHE B 456 -11.99 -0.25 12.08
N VAL B 457 -10.83 0.10 11.55
CA VAL B 457 -9.77 -0.85 11.30
C VAL B 457 -8.45 -0.22 11.74
N ASN B 458 -7.62 -0.97 12.44
CA ASN B 458 -6.29 -0.44 12.75
C ASN B 458 -5.41 -1.15 11.74
N ALA B 459 -5.12 -0.42 10.66
CA ALA B 459 -4.33 -0.89 9.54
C ALA B 459 -2.84 -0.84 9.87
N PRO B 460 -1.97 -1.36 8.98
CA PRO B 460 -0.53 -1.31 9.27
C PRO B 460 0.00 0.11 9.52
N ARG B 461 -0.71 1.14 9.06
CA ARG B 461 -0.29 2.52 9.29
C ARG B 461 -1.11 3.25 10.37
N GLY B 462 -2.10 2.58 10.96
CA GLY B 462 -2.89 3.20 12.01
C GLY B 462 -4.40 3.13 11.95
N GLY B 463 -5.04 4.03 12.69
CA GLY B 463 -6.49 4.07 12.78
C GLY B 463 -7.24 4.54 11.53
N LEU B 464 -7.98 3.61 10.93
CA LEU B 464 -8.77 3.88 9.72
C LEU B 464 -10.26 3.80 10.05
N SER B 465 -11.05 4.74 9.52
CA SER B 465 -12.49 4.77 9.73
C SER B 465 -13.26 5.25 8.48
N HIS B 466 -14.33 4.52 8.14
CA HIS B 466 -15.22 4.84 7.01
C HIS B 466 -16.58 5.19 7.61
N TRP B 467 -17.21 6.26 7.13
CA TRP B 467 -18.49 6.77 7.67
C TRP B 467 -19.57 6.95 6.60
N ILE B 468 -20.75 6.39 6.82
CA ILE B 468 -21.83 6.47 5.85
C ILE B 468 -23.15 7.05 6.39
N ARG B 469 -23.83 7.79 5.53
CA ARG B 469 -25.15 8.36 5.79
C ARG B 469 -26.01 7.81 4.63
N ILE B 470 -26.92 6.90 4.95
CA ILE B 470 -27.82 6.30 3.96
C ILE B 470 -29.16 7.06 3.92
N GLU B 471 -29.58 7.47 2.72
CA GLU B 471 -30.83 8.21 2.50
C GLU B 471 -31.55 7.59 1.30
N ASP B 472 -32.81 7.19 1.51
CA ASP B 472 -33.62 6.54 0.47
C ASP B 472 -32.90 5.28 -0.03
N GLY B 473 -32.21 4.59 0.89
CA GLY B 473 -31.49 3.37 0.58
C GLY B 473 -30.22 3.55 -0.23
N LYS B 474 -29.85 4.79 -0.50
CA LYS B 474 -28.66 5.09 -1.30
C LYS B 474 -27.60 5.84 -0.49
N ILE B 475 -26.40 5.98 -1.05
CA ILE B 475 -25.33 6.69 -0.36
C ILE B 475 -25.63 8.19 -0.37
N GLY B 476 -26.04 8.69 0.79
CA GLY B 476 -26.30 10.11 0.97
C GLY B 476 -24.98 10.84 1.13
N ASN B 477 -24.10 10.29 1.97
CA ASN B 477 -22.77 10.86 2.20
C ASN B 477 -21.86 9.69 2.61
N PHE B 478 -20.62 9.70 2.15
CA PHE B 478 -19.63 8.67 2.48
C PHE B 478 -18.29 9.39 2.64
N GLN B 479 -17.69 9.24 3.82
CA GLN B 479 -16.44 9.89 4.12
C GLN B 479 -15.40 8.93 4.69
N LEU B 480 -14.18 9.03 4.18
CA LEU B 480 -13.05 8.23 4.66
C LEU B 480 -12.09 9.13 5.43
N VAL B 481 -11.62 8.65 6.58
CA VAL B 481 -10.63 9.35 7.43
C VAL B 481 -9.55 8.27 7.63
N VAL B 482 -8.42 8.43 6.96
CA VAL B 482 -7.39 7.40 7.00
C VAL B 482 -6.13 7.74 7.79
N PRO B 483 -5.37 6.69 8.24
CA PRO B 483 -4.13 6.83 9.02
C PRO B 483 -3.20 7.96 8.57
N SER B 484 -2.79 7.93 7.30
CA SER B 484 -1.90 8.96 6.75
C SER B 484 -2.48 10.38 6.77
N THR B 485 -3.81 10.50 6.71
CA THR B 485 -4.45 11.83 6.77
C THR B 485 -4.10 12.39 8.16
N TRP B 486 -4.24 11.54 9.18
CA TRP B 486 -3.92 11.92 10.56
C TRP B 486 -2.46 12.38 10.72
N THR B 487 -1.55 11.55 10.25
CA THR B 487 -0.12 11.80 10.42
C THR B 487 0.57 12.75 9.42
N LEU B 488 0.13 12.73 8.17
CA LEU B 488 0.73 13.54 7.11
C LEU B 488 -0.15 14.70 6.60
N GLY B 489 -1.35 14.83 7.16
CA GLY B 489 -2.22 15.94 6.75
C GLY B 489 -1.58 17.28 7.08
N PRO B 490 -2.12 18.43 6.60
CA PRO B 490 -1.52 19.74 6.89
C PRO B 490 -1.96 20.32 8.24
N ARG B 491 -1.64 21.60 8.48
CA ARG B 491 -2.04 22.30 9.69
C ARG B 491 -3.56 22.53 9.67
N CYS B 492 -4.14 22.72 10.85
CA CYS B 492 -5.58 22.95 11.02
C CYS B 492 -5.93 24.45 11.10
N ASP B 493 -7.18 24.79 11.46
CA ASP B 493 -7.57 26.20 11.55
C ASP B 493 -7.00 26.92 12.77
N LYS B 494 -6.24 26.18 13.58
CA LYS B 494 -5.58 26.75 14.75
C LYS B 494 -4.08 26.75 14.49
N ASN B 495 -3.72 26.42 13.24
CA ASN B 495 -2.34 26.39 12.81
C ASN B 495 -1.45 25.38 13.55
N ASN B 496 -2.02 24.30 14.07
CA ASN B 496 -1.20 23.29 14.76
C ASN B 496 -0.55 22.45 13.66
N VAL B 497 0.76 22.25 13.72
CA VAL B 497 1.44 21.43 12.72
C VAL B 497 1.11 19.96 12.93
N SER B 498 1.05 19.21 11.83
CA SER B 498 0.74 17.79 11.89
C SER B 498 1.91 16.99 12.49
N PRO B 499 1.67 15.70 12.83
CA PRO B 499 2.74 14.89 13.40
C PRO B 499 4.03 14.86 12.57
N VAL B 500 3.92 14.70 11.27
CA VAL B 500 5.12 14.65 10.45
C VAL B 500 5.81 16.02 10.39
N GLU B 501 5.02 17.09 10.30
CA GLU B 501 5.59 18.44 10.23
C GLU B 501 6.36 18.75 11.51
N ALA B 502 5.75 18.42 12.65
CA ALA B 502 6.35 18.65 13.95
C ALA B 502 7.60 17.79 14.20
N SER B 503 7.57 16.51 13.83
CA SER B 503 8.73 15.61 14.04
C SER B 503 9.98 15.99 13.22
N LEU B 504 9.79 16.72 12.11
CA LEU B 504 10.91 17.11 11.27
C LEU B 504 11.73 18.23 11.84
N ILE B 505 11.16 18.97 12.79
CA ILE B 505 11.88 20.08 13.39
C ILE B 505 13.05 19.59 14.24
N GLY B 506 14.24 20.10 13.95
CA GLY B 506 15.44 19.71 14.66
C GLY B 506 16.25 18.65 13.93
N THR B 507 15.78 18.25 12.74
CA THR B 507 16.48 17.25 11.96
C THR B 507 17.79 17.79 11.42
N PRO B 508 18.90 17.09 11.69
CA PRO B 508 20.20 17.55 11.18
C PRO B 508 20.32 17.22 9.70
N VAL B 509 20.94 18.10 8.92
CA VAL B 509 21.14 17.83 7.50
C VAL B 509 22.61 18.07 7.11
N ALA B 510 23.39 16.98 7.19
CA ALA B 510 24.83 17.01 6.89
C ALA B 510 25.14 17.64 5.54
N ASP B 511 24.50 17.13 4.50
CA ASP B 511 24.68 17.62 3.14
C ASP B 511 23.29 18.20 2.89
N ALA B 512 23.09 19.07 1.90
CA ALA B 512 21.75 19.59 1.63
C ALA B 512 21.21 19.11 0.27
N LYS B 513 22.12 18.63 -0.57
CA LYS B 513 21.76 18.11 -1.90
C LYS B 513 21.31 16.65 -1.84
N ARG B 514 21.64 15.96 -0.74
CA ARG B 514 21.28 14.56 -0.49
C ARG B 514 20.74 14.43 0.94
N PRO B 515 19.62 15.11 1.25
CA PRO B 515 18.99 15.10 2.59
C PRO B 515 18.38 13.79 3.10
N VAL B 516 19.22 12.76 3.21
CA VAL B 516 18.77 11.45 3.70
C VAL B 516 18.13 11.49 5.08
N GLU B 517 18.51 12.44 5.91
CA GLU B 517 17.97 12.57 7.27
C GLU B 517 16.46 12.88 7.25
N ILE B 518 16.02 13.73 6.32
CA ILE B 518 14.59 14.07 6.16
C ILE B 518 13.85 12.79 5.74
N LEU B 519 14.48 12.03 4.85
CA LEU B 519 13.89 10.78 4.38
C LEU B 519 13.79 9.75 5.50
N ARG B 520 14.78 9.72 6.39
CA ARG B 520 14.76 8.77 7.51
C ARG B 520 13.53 8.98 8.39
N THR B 521 13.25 10.22 8.75
CA THR B 521 12.08 10.50 9.59
C THR B 521 10.77 10.33 8.81
N VAL B 522 10.69 10.90 7.61
CA VAL B 522 9.46 10.77 6.81
C VAL B 522 9.11 9.29 6.57
N HIS B 523 10.09 8.50 6.17
CA HIS B 523 9.84 7.07 5.92
C HIS B 523 9.50 6.28 7.18
N SER B 524 9.96 6.72 8.36
CA SER B 524 9.63 5.98 9.58
C SER B 524 8.12 5.96 9.82
N PHE B 525 7.40 6.96 9.31
CA PHE B 525 5.95 7.01 9.42
C PHE B 525 5.23 6.12 8.40
N ASP B 526 5.97 5.64 7.39
CA ASP B 526 5.41 4.76 6.35
C ASP B 526 4.24 5.49 5.63
N PRO B 527 4.54 6.65 5.00
CA PRO B 527 3.50 7.44 4.30
C PRO B 527 2.72 6.75 3.18
N CYS B 528 1.43 7.06 3.10
CA CYS B 528 0.58 6.52 2.04
C CYS B 528 -0.36 7.66 1.56
N ILE B 529 0.03 8.34 0.48
CA ILE B 529 -0.70 9.51 -0.04
C ILE B 529 -2.03 9.25 -0.77
N ALA B 530 -2.15 8.12 -1.45
CA ALA B 530 -3.40 7.75 -2.12
C ALA B 530 -4.41 7.56 -0.99
N CYS B 531 -3.95 6.92 0.09
CA CYS B 531 -4.76 6.70 1.27
C CYS B 531 -5.16 8.05 1.89
N GLY B 532 -4.18 8.90 2.17
CA GLY B 532 -4.46 10.19 2.80
C GLY B 532 -5.45 11.15 2.13
N VAL B 533 -5.42 11.24 0.81
CA VAL B 533 -6.31 12.14 0.08
C VAL B 533 -7.57 11.50 -0.49
N HIS B 534 -7.42 10.32 -1.09
CA HIS B 534 -8.52 9.61 -1.75
C HIS B 534 -9.32 10.52 -2.73
FE1 SF4 C . -5.22 0.89 -8.57
FE2 SF4 C . -6.01 1.88 -10.93
FE3 SF4 C . -6.94 -0.46 -10.10
FE4 SF4 C . -4.28 -0.29 -10.81
S1 SF4 C . -6.11 -0.06 -12.24
S2 SF4 C . -5.15 -1.42 -8.97
S3 SF4 C . -3.84 1.93 -10.13
S4 SF4 C . -7.32 1.58 -9.09
FE1 SF4 D . -20.09 -17.28 -15.60
FE2 SF4 D . -19.76 -15.96 -13.26
FE3 SF4 D . -18.69 -18.43 -13.56
FE4 SF4 D . -21.44 -18.11 -13.41
S1 SF4 D . -19.86 -17.75 -11.71
S2 SF4 D . -20.34 -19.48 -14.86
S3 SF4 D . -21.68 -16.02 -14.51
S4 SF4 D . -18.11 -16.50 -14.76
FE1 F3S E . -13.25 -10.36 -12.79
FE3 F3S E . -10.68 -11.22 -13.04
FE4 F3S E . -11.22 -8.66 -12.34
S1 F3S E . -12.40 -12.38 -12.08
S2 F3S E . -13.18 -8.72 -11.17
S3 F3S E . -11.79 -9.61 -14.40
S4 F3S E . -9.52 -9.95 -11.50
MG MG F . -11.84 11.90 3.53
NI NFE G . -2.34 2.76 1.80
FE NFE G . -3.43 2.91 4.16
C1 NFE G . -5.09 2.72 4.94
C2 NFE G . -2.84 1.90 5.60
S3 NFE G . -2.80 4.72 5.24
O1 NFE G . -5.93 2.81 5.82
O2 NFE G . -2.17 1.20 6.34
O3 NFE G . -2.05 5.78 5.83
#